data_9J62
#
_entry.id   9J62
#
_cell.length_a   1.00
_cell.length_b   1.00
_cell.length_c   1.00
_cell.angle_alpha   90.00
_cell.angle_beta   90.00
_cell.angle_gamma   90.00
#
_symmetry.space_group_name_H-M   'P 1'
#
loop_
_entity.id
_entity.type
_entity.pdbx_description
1 polymer 'Processed angiotensin-converting enzyme 2'
2 polymer 'Spike glycoprotein'
3 non-polymer 2-acetamido-2-deoxy-beta-D-glucopyranose
4 non-polymer 'ZINC ION'
#
loop_
_entity_poly.entity_id
_entity_poly.type
_entity_poly.pdbx_seq_one_letter_code
_entity_poly.pdbx_strand_id
1 'polypeptide(L)'
;STIEEQAKTFLDKFNHEAEDLFYQSSLASWNYNTNITEENVQNMNNAGDKWSAFLKEQSTLAQMYPLQEIQNLTVKLQLQ
ALQQNGSSVLSEDKSKRLNTILNTMSTIYSTGKVCNPDNPQECLLLEPGLNEIMANSLDYNERLWAWESWRSEVGKQLRP
LYEEYVVLKNEMARANHYEDYGDYWRGDYEVNGVDGYDYSRGQLIEDVEHTFEEIKPLYEHLHAYVRAKLMNAYPSYISP
IGCLPAHLLGDMWGRFWTNLYSLTVPFGQKPNIDVTDAMVDQAWDAQRIFKEAEKFFVSVGLPNMTQGFWENSMLTDPGN
VQKAVCHPTAWDLGKGDFRILMCTKVTMDDFLTAHHEMGHIQYDMAYAAQPFLLRNGANEGFHEAVGEIMSLSAATPKHL
KSIGLLSPDFQEDNETEINFLLKQALTIVGTLPFTYMLEKWRWMVFKGEIPKDQWMKKWWEMKREIVGVVEPVPHDETYC
DPASLFHVSNDYSFIRYYTRTLYQFQFQEALCQAAKHEGPLHKCDISNSTEAGQKLFNMLRLGKSEPWTLALENVVGAKN
MNVRPLLNYFEPLFTWLKDQNKNSFVGWSTDWSPYADHHHHHHHH
;
A
2 'polypeptide(L)'
;RVSPSLDVVRFPNMTNICPFDQVFNKTQFPSVYAWERVRISDCVSDYTVLYNSSASFSTFKCYGVSPTKLNDLCFSGVYA
DYFVVKGDHVHQIAPGQTGVIADYNYKLPSEFVGCILAWNTRTIDSKRGFYYRLFRHGNIRPYERDTSNVPYNAAGGTCN
QPGTHNCYEPLQDYGFTSTSGVGYQPFRVVVLSFELLNAPATVC
;
B
#
loop_
_chem_comp.id
_chem_comp.type
_chem_comp.name
_chem_comp.formula
NAG D-saccharide, beta linking 2-acetamido-2-deoxy-beta-D-glucopyranose 'C8 H15 N O6'
ZN non-polymer 'ZINC ION' 'Zn 2'
#
# COMPACT_ATOMS: atom_id res chain seq x y z
N SER A 1 27.96 -20.92 -13.97
CA SER A 1 28.05 -22.38 -13.99
C SER A 1 26.68 -23.02 -13.83
N THR A 2 26.16 -23.02 -12.62
CA THR A 2 24.86 -23.59 -12.33
C THR A 2 23.75 -22.67 -12.86
N ILE A 3 22.50 -23.09 -12.69
CA ILE A 3 21.36 -22.32 -13.19
C ILE A 3 20.90 -21.26 -12.21
N GLU A 4 21.32 -21.33 -10.95
CA GLU A 4 20.97 -20.31 -9.96
C GLU A 4 21.84 -19.07 -10.08
N GLU A 5 23.11 -19.21 -10.44
CA GLU A 5 23.98 -18.07 -10.64
C GLU A 5 23.53 -17.19 -11.79
N GLN A 6 23.08 -17.78 -12.89
CA GLN A 6 22.56 -17.03 -14.02
C GLN A 6 21.18 -16.45 -13.76
N ALA A 7 20.43 -16.99 -12.79
CA ALA A 7 19.14 -16.43 -12.40
C ALA A 7 19.26 -15.25 -11.46
N LYS A 8 20.32 -15.21 -10.63
CA LYS A 8 20.54 -14.05 -9.78
C LYS A 8 21.03 -12.85 -10.58
N THR A 9 21.79 -13.10 -11.65
CA THR A 9 22.22 -12.01 -12.52
C THR A 9 21.03 -11.31 -13.17
N PHE A 10 20.04 -12.09 -13.61
CA PHE A 10 18.82 -11.50 -14.16
C PHE A 10 18.03 -10.74 -13.11
N LEU A 11 18.13 -11.10 -11.84
CA LEU A 11 17.44 -10.41 -10.77
C LEU A 11 18.29 -9.30 -10.16
N ASP A 12 19.49 -9.08 -10.69
CA ASP A 12 20.32 -7.95 -10.31
C ASP A 12 20.25 -6.80 -11.29
N LYS A 13 20.12 -7.08 -12.59
CA LYS A 13 19.93 -6.01 -13.57
C LYS A 13 18.52 -5.46 -13.52
N PHE A 14 17.53 -6.33 -13.34
CA PHE A 14 16.13 -5.90 -13.37
C PHE A 14 15.81 -4.93 -12.24
N ASN A 15 16.31 -5.20 -11.04
CA ASN A 15 15.96 -4.36 -9.90
C ASN A 15 16.46 -2.94 -10.07
N HIS A 16 17.70 -2.78 -10.58
CA HIS A 16 18.24 -1.44 -10.77
C HIS A 16 17.63 -0.77 -12.00
N GLU A 17 17.18 -1.57 -12.97
CA GLU A 17 16.69 -1.01 -14.23
C GLU A 17 15.21 -0.68 -14.13
N ALA A 18 14.43 -1.48 -13.41
CA ALA A 18 13.00 -1.22 -13.28
C ALA A 18 12.71 -0.04 -12.36
N GLU A 19 13.53 0.13 -11.31
CA GLU A 19 13.29 1.20 -10.35
C GLU A 19 13.37 2.57 -11.00
N ASP A 20 14.28 2.74 -11.97
CA ASP A 20 14.43 4.02 -12.65
C ASP A 20 13.17 4.38 -13.42
N LEU A 21 12.62 3.42 -14.16
CA LEU A 21 11.41 3.68 -14.94
C LEU A 21 10.19 3.90 -14.05
N PHE A 22 10.10 3.16 -12.95
CA PHE A 22 8.93 3.30 -12.08
C PHE A 22 8.87 4.68 -11.42
N TYR A 23 10.02 5.33 -11.23
CA TYR A 23 10.03 6.66 -10.63
C TYR A 23 9.50 7.71 -11.61
N GLN A 24 9.93 7.64 -12.87
CA GLN A 24 9.48 8.61 -13.86
C GLN A 24 7.99 8.47 -14.16
N SER A 25 7.51 7.23 -14.25
CA SER A 25 6.09 7.00 -14.51
C SER A 25 5.23 7.54 -13.37
N SER A 26 5.67 7.33 -12.12
CA SER A 26 4.90 7.80 -10.98
C SER A 26 5.03 9.30 -10.79
N LEU A 27 6.05 9.93 -11.38
CA LEU A 27 6.19 11.38 -11.28
C LEU A 27 5.19 12.11 -12.17
N ALA A 28 4.83 11.53 -13.32
CA ALA A 28 3.86 12.16 -14.21
C ALA A 28 2.45 12.05 -13.68
N SER A 29 2.12 10.97 -12.97
CA SER A 29 0.80 10.83 -12.38
C SER A 29 0.58 11.84 -11.26
N TRP A 30 1.63 12.17 -10.51
CA TRP A 30 1.49 13.15 -9.43
C TRP A 30 1.16 14.53 -9.96
N ASN A 31 1.78 14.92 -11.09
CA ASN A 31 1.56 16.26 -11.63
C ASN A 31 0.12 16.44 -12.09
N TYR A 32 -0.44 15.43 -12.76
CA TYR A 32 -1.84 15.52 -13.20
C TYR A 32 -2.79 15.59 -12.01
N ASN A 33 -2.53 14.79 -10.97
CA ASN A 33 -3.41 14.78 -9.81
C ASN A 33 -3.36 16.07 -9.02
N THR A 34 -2.31 16.88 -9.20
CA THR A 34 -2.21 18.17 -8.54
C THR A 34 -2.37 19.35 -9.50
N ASN A 35 -2.45 19.10 -10.80
CA ASN A 35 -2.58 20.16 -11.80
C ASN A 35 -3.26 19.54 -13.02
N ILE A 36 -4.55 19.80 -13.18
CA ILE A 36 -5.35 19.15 -14.21
C ILE A 36 -5.29 20.00 -15.48
N THR A 37 -4.50 19.55 -16.46
CA THR A 37 -4.43 20.18 -17.77
C THR A 37 -4.45 19.09 -18.84
N GLU A 38 -4.82 19.50 -20.05
CA GLU A 38 -4.79 18.56 -21.17
C GLU A 38 -3.36 18.27 -21.63
N GLU A 39 -2.40 19.04 -21.12
CA GLU A 39 -1.00 18.79 -21.45
C GLU A 39 -0.33 17.88 -20.42
N ASN A 40 -0.76 17.96 -19.15
CA ASN A 40 -0.18 17.12 -18.12
C ASN A 40 -0.55 15.66 -18.31
N VAL A 41 -1.75 15.40 -18.84
CA VAL A 41 -2.17 14.02 -19.09
C VAL A 41 -1.29 13.39 -20.17
N GLN A 42 -0.78 14.19 -21.10
CA GLN A 42 0.10 13.67 -22.14
C GLN A 42 1.35 13.04 -21.55
N ASN A 43 1.91 13.67 -20.52
CA ASN A 43 3.11 13.11 -19.89
C ASN A 43 2.82 11.75 -19.25
N MET A 44 1.66 11.63 -18.58
CA MET A 44 1.32 10.35 -17.97
C MET A 44 1.14 9.26 -19.01
N ASN A 45 0.48 9.58 -20.12
CA ASN A 45 0.31 8.60 -21.19
C ASN A 45 1.65 8.21 -21.79
N ASN A 46 2.53 9.19 -22.04
CA ASN A 46 3.83 8.89 -22.62
C ASN A 46 4.71 8.09 -21.66
N ALA A 47 4.73 8.48 -20.38
CA ALA A 47 5.60 7.80 -19.42
C ALA A 47 5.05 6.44 -19.02
N GLY A 48 3.73 6.33 -18.87
CA GLY A 48 3.16 5.09 -18.37
C GLY A 48 3.31 3.92 -19.33
N ASP A 49 3.12 4.17 -20.62
CA ASP A 49 3.25 3.10 -21.61
C ASP A 49 4.68 2.58 -21.70
N LYS A 50 5.66 3.44 -21.41
CA LYS A 50 7.05 2.98 -21.39
C LYS A 50 7.26 1.93 -20.31
N TRP A 51 6.68 2.14 -19.12
CA TRP A 51 6.77 1.14 -18.07
C TRP A 51 6.02 -0.12 -18.42
N SER A 52 4.82 0.03 -19.01
CA SER A 52 4.03 -1.15 -19.37
C SER A 52 4.75 -2.00 -20.40
N ALA A 53 5.33 -1.36 -21.42
CA ALA A 53 6.10 -2.11 -22.42
C ALA A 53 7.39 -2.68 -21.86
N PHE A 54 7.85 -2.17 -20.72
CA PHE A 54 9.08 -2.68 -20.12
C PHE A 54 8.87 -4.03 -19.46
N LEU A 55 7.70 -4.24 -18.85
CA LEU A 55 7.47 -5.46 -18.09
C LEU A 55 7.32 -6.68 -18.98
N LYS A 56 6.55 -6.59 -20.06
CA LYS A 56 6.32 -7.75 -20.90
C LYS A 56 7.61 -8.22 -21.56
N GLU A 57 8.44 -7.28 -22.03
CA GLU A 57 9.73 -7.66 -22.60
C GLU A 57 10.63 -8.31 -21.56
N GLN A 58 10.69 -7.75 -20.35
CA GLN A 58 11.52 -8.34 -19.31
C GLN A 58 11.02 -9.69 -18.85
N SER A 59 9.71 -9.86 -18.71
CA SER A 59 9.15 -11.15 -18.30
C SER A 59 9.27 -12.20 -19.39
N THR A 60 9.48 -11.79 -20.64
CA THR A 60 9.57 -12.75 -21.73
C THR A 60 10.76 -13.69 -21.56
N LEU A 61 11.92 -13.14 -21.21
CA LEU A 61 13.11 -13.96 -21.02
C LEU A 61 13.31 -14.40 -19.58
N ALA A 62 12.35 -14.10 -18.70
CA ALA A 62 12.38 -14.66 -17.35
C ALA A 62 11.76 -16.05 -17.29
N GLN A 63 11.13 -16.50 -18.37
CA GLN A 63 10.52 -17.82 -18.39
C GLN A 63 11.49 -18.91 -18.80
N MET A 64 12.72 -18.52 -19.17
CA MET A 64 13.68 -19.49 -19.68
C MET A 64 14.62 -19.96 -18.57
N TYR A 65 14.35 -19.55 -17.33
CA TYR A 65 14.99 -20.13 -16.17
C TYR A 65 13.98 -21.00 -15.43
N PRO A 66 14.07 -22.32 -15.54
CA PRO A 66 13.05 -23.18 -14.93
C PRO A 66 13.07 -23.13 -13.42
N LEU A 67 11.90 -23.38 -12.83
CA LEU A 67 11.71 -23.29 -11.38
C LEU A 67 12.00 -24.59 -10.64
N GLN A 68 12.25 -25.69 -11.36
CA GLN A 68 12.53 -26.96 -10.70
C GLN A 68 14.00 -27.19 -10.40
N GLU A 69 14.86 -26.21 -10.68
CA GLU A 69 16.29 -26.32 -10.43
C GLU A 69 16.81 -25.25 -9.49
N ILE A 70 15.93 -24.58 -8.76
CA ILE A 70 16.32 -23.52 -7.83
C ILE A 70 15.89 -23.93 -6.42
N GLN A 71 16.82 -23.88 -5.47
CA GLN A 71 16.54 -24.24 -4.09
C GLN A 71 16.44 -23.05 -3.16
N ASN A 72 16.87 -21.87 -3.59
CA ASN A 72 16.86 -20.68 -2.74
C ASN A 72 15.47 -20.06 -2.82
N LEU A 73 14.78 -19.98 -1.69
CA LEU A 73 13.36 -19.64 -1.70
C LEU A 73 13.12 -18.18 -2.13
N THR A 74 13.99 -17.26 -1.73
CA THR A 74 13.79 -15.85 -2.07
C THR A 74 13.88 -15.58 -3.57
N VAL A 75 14.52 -16.48 -4.32
CA VAL A 75 14.62 -16.33 -5.77
C VAL A 75 13.40 -16.90 -6.47
N LYS A 76 12.84 -17.99 -5.93
CA LYS A 76 11.66 -18.59 -6.53
C LYS A 76 10.45 -17.69 -6.42
N LEU A 77 10.34 -16.94 -5.31
CA LEU A 77 9.23 -16.01 -5.15
C LEU A 77 9.28 -14.92 -6.21
N GLN A 78 10.45 -14.36 -6.46
CA GLN A 78 10.57 -13.30 -7.47
C GLN A 78 10.36 -13.86 -8.86
N LEU A 79 10.91 -15.04 -9.15
CA LEU A 79 10.78 -15.62 -10.48
C LEU A 79 9.33 -15.99 -10.78
N GLN A 80 8.61 -16.51 -9.80
CA GLN A 80 7.21 -16.86 -10.01
C GLN A 80 6.36 -15.62 -10.28
N ALA A 81 6.68 -14.50 -9.63
CA ALA A 81 5.95 -13.26 -9.87
C ALA A 81 6.13 -12.80 -11.31
N LEU A 82 7.34 -12.90 -11.85
CA LEU A 82 7.61 -12.44 -13.21
C LEU A 82 7.33 -13.50 -14.27
N GLN A 83 7.00 -14.72 -13.87
CA GLN A 83 6.66 -15.76 -14.82
C GLN A 83 5.16 -15.86 -15.11
N GLN A 84 4.36 -14.96 -14.52
CA GLN A 84 2.91 -15.01 -14.70
C GLN A 84 2.55 -14.63 -16.12
N ASN A 85 1.87 -15.54 -16.83
CA ASN A 85 1.43 -15.24 -18.19
C ASN A 85 0.39 -14.13 -18.19
N GLY A 86 -0.50 -14.14 -17.20
CA GLY A 86 -1.54 -13.12 -17.14
C GLY A 86 -2.57 -13.30 -18.24
N SER A 87 -3.17 -12.20 -18.67
CA SER A 87 -4.16 -12.21 -19.73
C SER A 87 -3.55 -12.36 -21.12
N SER A 88 -2.24 -12.60 -21.20
CA SER A 88 -1.55 -12.76 -22.47
C SER A 88 -1.66 -14.17 -23.03
N VAL A 89 -2.29 -15.09 -22.33
CA VAL A 89 -2.44 -16.46 -22.79
C VAL A 89 -3.57 -16.57 -23.82
N LEU A 90 -4.57 -15.71 -23.74
CA LEU A 90 -5.71 -15.73 -24.65
C LEU A 90 -5.28 -15.29 -26.04
N SER A 91 -6.13 -15.58 -27.02
CA SER A 91 -5.83 -15.29 -28.41
C SER A 91 -5.88 -13.78 -28.66
N GLU A 92 -5.53 -13.40 -29.90
CA GLU A 92 -5.53 -12.00 -30.28
C GLU A 92 -6.92 -11.40 -30.31
N ASP A 93 -7.92 -12.14 -30.77
CA ASP A 93 -9.29 -11.64 -30.86
C ASP A 93 -10.06 -11.82 -29.55
N LYS A 94 -9.75 -12.86 -28.78
CA LYS A 94 -10.45 -13.08 -27.52
C LYS A 94 -10.03 -12.05 -26.46
N SER A 95 -8.76 -11.65 -26.48
CA SER A 95 -8.29 -10.64 -25.54
C SER A 95 -8.96 -9.29 -25.78
N LYS A 96 -9.13 -8.92 -27.05
CA LYS A 96 -9.78 -7.66 -27.37
C LYS A 96 -11.24 -7.67 -26.95
N ARG A 97 -11.94 -8.79 -27.17
CA ARG A 97 -13.35 -8.88 -26.80
C ARG A 97 -13.53 -8.75 -25.29
N LEU A 98 -12.64 -9.36 -24.52
CA LEU A 98 -12.69 -9.21 -23.06
C LEU A 98 -12.42 -7.75 -22.66
N ASN A 99 -11.49 -7.10 -23.36
CA ASN A 99 -11.12 -5.73 -22.99
C ASN A 99 -12.26 -4.75 -23.23
N THR A 100 -12.96 -4.89 -24.35
CA THR A 100 -14.04 -3.95 -24.64
C THR A 100 -15.26 -4.21 -23.76
N ILE A 101 -15.44 -5.45 -23.30
CA ILE A 101 -16.54 -5.76 -22.39
C ILE A 101 -16.36 -5.02 -21.07
N LEU A 102 -15.13 -5.04 -20.53
CA LEU A 102 -14.87 -4.36 -19.25
C LEU A 102 -15.06 -2.86 -19.36
N ASN A 103 -14.62 -2.24 -20.45
CA ASN A 103 -14.76 -0.80 -20.60
C ASN A 103 -16.23 -0.40 -20.68
N THR A 104 -17.07 -1.28 -21.25
CA THR A 104 -18.50 -0.99 -21.33
C THR A 104 -19.13 -0.93 -19.95
N MET A 105 -18.75 -1.85 -19.05
CA MET A 105 -19.33 -1.86 -17.71
C MET A 105 -18.95 -0.60 -16.94
N SER A 106 -17.71 -0.15 -17.07
CA SER A 106 -17.29 1.08 -16.40
C SER A 106 -18.05 2.28 -16.94
N THR A 107 -18.30 2.31 -18.25
CA THR A 107 -19.01 3.44 -18.85
C THR A 107 -20.47 3.48 -18.42
N ILE A 108 -21.15 2.34 -18.45
CA ILE A 108 -22.58 2.32 -18.14
C ILE A 108 -22.84 2.63 -16.67
N TYR A 109 -21.98 2.14 -15.77
CA TYR A 109 -22.14 2.40 -14.35
C TYR A 109 -21.91 3.87 -14.00
N SER A 110 -20.93 4.51 -14.65
CA SER A 110 -20.61 5.89 -14.35
C SER A 110 -21.60 6.89 -14.94
N THR A 111 -22.17 6.58 -16.10
CA THR A 111 -23.10 7.49 -16.78
C THR A 111 -24.54 7.04 -16.70
N GLY A 112 -24.90 6.16 -15.76
CA GLY A 112 -26.27 5.73 -15.64
C GLY A 112 -27.16 6.78 -15.01
N LYS A 113 -28.35 6.99 -15.58
CA LYS A 113 -29.29 7.97 -15.08
C LYS A 113 -30.71 7.42 -15.14
N VAL A 114 -31.57 7.95 -14.29
CA VAL A 114 -32.98 7.56 -14.22
C VAL A 114 -33.82 8.82 -14.27
N CYS A 115 -34.85 8.82 -15.12
CA CYS A 115 -35.75 9.96 -15.29
C CYS A 115 -37.06 9.66 -14.58
N ASN A 116 -37.45 10.55 -13.68
CA ASN A 116 -38.62 10.31 -12.85
C ASN A 116 -39.91 10.39 -13.66
N PRO A 117 -40.94 9.65 -13.27
CA PRO A 117 -42.24 9.78 -13.93
C PRO A 117 -42.85 11.15 -13.66
N ASP A 118 -43.69 11.57 -14.61
CA ASP A 118 -44.38 12.87 -14.65
C ASP A 118 -43.43 14.02 -14.93
N ASN A 119 -42.12 13.78 -14.99
CA ASN A 119 -41.15 14.80 -15.36
C ASN A 119 -40.18 14.16 -16.35
N PRO A 120 -40.55 14.05 -17.62
CA PRO A 120 -39.66 13.38 -18.60
C PRO A 120 -38.48 14.23 -19.05
N GLN A 121 -38.37 15.47 -18.58
CA GLN A 121 -37.30 16.38 -19.00
C GLN A 121 -36.06 16.29 -18.13
N GLU A 122 -36.20 16.50 -16.83
CA GLU A 122 -35.06 16.47 -15.91
C GLU A 122 -34.94 15.07 -15.33
N CYS A 123 -33.73 14.51 -15.41
CA CYS A 123 -33.46 13.16 -14.94
C CYS A 123 -32.53 13.20 -13.73
N LEU A 124 -32.33 12.07 -13.06
CA LEU A 124 -31.46 12.06 -11.85
C LEU A 124 -30.34 11.02 -12.01
N LEU A 125 -29.15 11.32 -11.46
CA LEU A 125 -28.00 10.40 -11.56
C LEU A 125 -27.76 9.73 -10.21
N LEU A 126 -26.57 9.15 -10.00
CA LEU A 126 -26.32 8.40 -8.75
C LEU A 126 -25.38 9.18 -7.84
N GLU A 127 -24.13 9.36 -8.27
CA GLU A 127 -23.10 9.99 -7.38
C GLU A 127 -23.70 11.17 -6.61
N PRO A 128 -24.43 12.11 -7.23
CA PRO A 128 -25.46 12.86 -6.52
C PRO A 128 -26.86 12.38 -6.87
N GLY A 129 -27.82 12.59 -5.97
CA GLY A 129 -29.21 12.24 -6.32
C GLY A 129 -29.64 10.93 -5.70
N LEU A 130 -29.80 9.89 -6.52
CA LEU A 130 -30.31 8.60 -5.99
C LEU A 130 -29.72 8.38 -4.60
N ASN A 131 -28.43 8.64 -4.43
CA ASN A 131 -27.82 8.50 -3.08
C ASN A 131 -28.60 9.35 -2.07
N GLU A 132 -28.69 10.66 -2.27
CA GLU A 132 -29.35 11.54 -1.31
C GLU A 132 -30.64 10.93 -0.79
N ILE A 133 -31.42 10.31 -1.68
CA ILE A 133 -32.70 9.72 -1.28
C ILE A 133 -32.46 8.54 -0.35
N MET A 134 -31.47 7.71 -0.66
CA MET A 134 -31.19 6.50 0.12
C MET A 134 -30.38 6.81 1.38
N ALA A 135 -30.31 8.10 1.70
CA ALA A 135 -29.59 8.53 2.89
C ALA A 135 -30.39 9.52 3.71
N ASN A 136 -31.38 10.17 3.10
CA ASN A 136 -32.10 11.23 3.80
C ASN A 136 -33.61 11.21 3.55
N SER A 137 -34.21 10.09 3.18
CA SER A 137 -35.63 10.02 2.92
C SER A 137 -36.28 8.96 3.83
N LEU A 138 -37.44 9.31 4.37
CA LEU A 138 -38.23 8.42 5.20
C LEU A 138 -39.54 8.00 4.56
N ASP A 139 -39.75 8.32 3.29
CA ASP A 139 -40.98 7.95 2.60
C ASP A 139 -40.86 6.55 2.00
N TYR A 140 -41.81 5.68 2.34
CA TYR A 140 -41.77 4.30 1.86
C TYR A 140 -41.94 4.19 0.35
N ASN A 141 -42.83 4.98 -0.24
CA ASN A 141 -43.09 4.91 -1.67
C ASN A 141 -42.06 5.66 -2.50
N GLU A 142 -41.23 6.49 -1.88
CA GLU A 142 -40.16 7.18 -2.59
C GLU A 142 -38.86 6.39 -2.62
N ARG A 143 -38.50 5.72 -1.53
CA ARG A 143 -37.32 4.86 -1.55
C ARG A 143 -37.52 3.67 -2.47
N LEU A 144 -38.74 3.12 -2.52
CA LEU A 144 -39.01 1.98 -3.39
C LEU A 144 -38.84 2.36 -4.86
N TRP A 145 -39.27 3.57 -5.24
CA TRP A 145 -39.12 4.00 -6.63
C TRP A 145 -37.66 4.09 -7.03
N ALA A 146 -36.82 4.66 -6.15
CA ALA A 146 -35.41 4.80 -6.49
C ALA A 146 -34.69 3.47 -6.49
N TRP A 147 -35.09 2.56 -5.60
CA TRP A 147 -34.44 1.25 -5.51
C TRP A 147 -34.73 0.41 -6.76
N GLU A 148 -35.99 0.36 -7.18
CA GLU A 148 -36.37 -0.51 -8.29
C GLU A 148 -35.93 0.06 -9.64
N SER A 149 -36.07 1.37 -9.83
CA SER A 149 -35.81 1.97 -11.13
C SER A 149 -34.35 1.83 -11.54
N TRP A 150 -33.43 2.02 -10.60
CA TRP A 150 -32.01 1.90 -10.90
C TRP A 150 -31.66 0.48 -11.33
N ARG A 151 -32.21 -0.51 -10.64
CA ARG A 151 -31.95 -1.91 -10.99
C ARG A 151 -32.70 -2.33 -12.25
N SER A 152 -33.70 -1.55 -12.68
CA SER A 152 -34.47 -1.90 -13.86
C SER A 152 -33.87 -1.36 -15.15
N GLU A 153 -33.11 -0.27 -15.06
CA GLU A 153 -32.51 0.35 -16.24
C GLU A 153 -31.01 0.10 -16.36
N VAL A 154 -30.30 0.11 -15.24
CA VAL A 154 -28.86 -0.16 -15.27
C VAL A 154 -28.56 -1.65 -15.14
N GLY A 155 -29.23 -2.32 -14.20
CA GLY A 155 -28.96 -3.74 -13.99
C GLY A 155 -29.39 -4.61 -15.16
N LYS A 156 -30.52 -4.28 -15.79
CA LYS A 156 -31.03 -5.10 -16.89
C LYS A 156 -30.09 -5.06 -18.10
N GLN A 157 -29.37 -3.96 -18.30
CA GLN A 157 -28.49 -3.86 -19.45
C GLN A 157 -27.15 -4.51 -19.20
N LEU A 158 -26.88 -4.93 -17.95
CA LEU A 158 -25.65 -5.64 -17.63
C LEU A 158 -25.82 -7.16 -17.64
N ARG A 159 -27.04 -7.66 -17.79
CA ARG A 159 -27.25 -9.11 -17.78
C ARG A 159 -26.54 -9.82 -18.92
N PRO A 160 -26.68 -9.42 -20.19
CA PRO A 160 -25.96 -10.16 -21.24
C PRO A 160 -24.45 -10.02 -21.17
N LEU A 161 -23.96 -8.88 -20.69
CA LEU A 161 -22.51 -8.66 -20.66
C LEU A 161 -21.85 -9.49 -19.58
N TYR A 162 -22.50 -9.64 -18.43
CA TYR A 162 -21.89 -10.38 -17.33
C TYR A 162 -21.78 -11.87 -17.64
N GLU A 163 -22.70 -12.40 -18.46
CA GLU A 163 -22.63 -13.82 -18.82
C GLU A 163 -21.35 -14.12 -19.59
N GLU A 164 -20.98 -13.23 -20.53
CA GLU A 164 -19.74 -13.41 -21.27
C GLU A 164 -18.51 -13.16 -20.40
N TYR A 165 -18.65 -12.39 -19.33
CA TYR A 165 -17.51 -12.08 -18.48
C TYR A 165 -17.03 -13.30 -17.73
N VAL A 166 -17.94 -14.17 -17.34
CA VAL A 166 -17.57 -15.40 -16.64
C VAL A 166 -16.87 -16.37 -17.59
N VAL A 167 -17.44 -16.58 -18.77
CA VAL A 167 -16.92 -17.62 -19.67
C VAL A 167 -15.59 -17.20 -20.29
N LEU A 168 -15.40 -15.91 -20.58
CA LEU A 168 -14.16 -15.45 -21.16
C LEU A 168 -13.02 -15.36 -20.16
N LYS A 169 -13.33 -15.33 -18.86
CA LYS A 169 -12.31 -15.24 -17.83
C LYS A 169 -12.13 -16.54 -17.06
N ASN A 170 -13.05 -17.50 -17.19
CA ASN A 170 -12.82 -18.84 -16.64
C ASN A 170 -11.76 -19.58 -17.44
N GLU A 171 -11.79 -19.45 -18.77
CA GLU A 171 -10.81 -20.12 -19.61
C GLU A 171 -9.40 -19.55 -19.42
N MET A 172 -9.29 -18.29 -19.02
CA MET A 172 -7.98 -17.73 -18.71
C MET A 172 -7.36 -18.42 -17.50
N ALA A 173 -8.18 -18.71 -16.49
CA ALA A 173 -7.68 -19.43 -15.32
C ALA A 173 -7.38 -20.88 -15.63
N ARG A 174 -8.19 -21.50 -16.51
CA ARG A 174 -7.96 -22.89 -16.89
C ARG A 174 -6.63 -23.06 -17.61
N ALA A 175 -6.29 -22.12 -18.51
CA ALA A 175 -5.01 -22.21 -19.20
C ALA A 175 -3.84 -21.97 -18.25
N ASN A 176 -4.10 -21.27 -17.14
CA ASN A 176 -3.07 -20.98 -16.15
C ASN A 176 -3.02 -22.02 -15.03
N HIS A 177 -3.50 -23.24 -15.30
CA HIS A 177 -3.45 -24.35 -14.33
C HIS A 177 -4.25 -24.03 -13.07
N TYR A 178 -5.45 -23.50 -13.27
CA TYR A 178 -6.45 -23.33 -12.22
C TYR A 178 -7.77 -23.89 -12.76
N GLU A 179 -8.57 -24.50 -11.88
CA GLU A 179 -9.79 -25.13 -12.36
C GLU A 179 -10.91 -24.12 -12.64
N ASP A 180 -10.80 -22.89 -12.14
CA ASP A 180 -11.81 -21.87 -12.42
C ASP A 180 -11.25 -20.50 -12.03
N TYR A 181 -12.02 -19.46 -12.36
CA TYR A 181 -11.63 -18.09 -12.03
C TYR A 181 -11.61 -17.85 -10.52
N GLY A 182 -12.52 -18.47 -9.77
CA GLY A 182 -12.53 -18.25 -8.33
C GLY A 182 -11.24 -18.69 -7.66
N ASP A 183 -10.58 -19.70 -8.22
CA ASP A 183 -9.33 -20.16 -7.65
C ASP A 183 -8.19 -19.19 -7.93
N TYR A 184 -8.28 -18.40 -9.01
CA TYR A 184 -7.30 -17.35 -9.26
C TYR A 184 -7.24 -16.38 -8.08
N TRP A 185 -8.40 -15.90 -7.63
CA TRP A 185 -8.44 -14.94 -6.54
C TRP A 185 -8.05 -15.58 -5.21
N ARG A 186 -8.25 -16.90 -5.09
CA ARG A 186 -7.88 -17.60 -3.87
C ARG A 186 -6.40 -17.92 -3.80
N GLY A 187 -5.64 -17.68 -4.87
CA GLY A 187 -4.22 -17.95 -4.88
C GLY A 187 -3.37 -16.94 -4.16
N ASP A 188 -3.96 -15.83 -3.69
CA ASP A 188 -3.20 -14.84 -2.95
C ASP A 188 -2.88 -15.33 -1.54
N TYR A 189 -3.58 -16.35 -1.07
CA TYR A 189 -3.36 -16.92 0.26
C TYR A 189 -2.62 -18.25 0.21
N GLU A 190 -1.99 -18.58 -0.91
CA GLU A 190 -1.33 -19.88 -1.05
C GLU A 190 0.12 -19.81 -0.59
N VAL A 191 0.51 -20.81 0.19
CA VAL A 191 1.89 -20.94 0.66
C VAL A 191 2.35 -22.37 0.44
N ASN A 192 3.45 -22.53 -0.28
CA ASN A 192 4.01 -23.85 -0.57
C ASN A 192 5.51 -23.83 -0.34
N GLY A 193 6.05 -25.02 -0.05
CA GLY A 193 7.48 -25.18 0.10
C GLY A 193 8.04 -25.00 1.49
N VAL A 194 7.22 -24.58 2.45
CA VAL A 194 7.66 -24.39 3.83
C VAL A 194 6.90 -25.37 4.71
N ASP A 195 7.63 -26.20 5.44
CA ASP A 195 7.01 -27.20 6.30
C ASP A 195 6.42 -26.50 7.51
N GLY A 196 5.16 -26.82 7.83
CA GLY A 196 4.48 -26.23 8.96
C GLY A 196 3.80 -24.91 8.68
N TYR A 197 3.79 -24.44 7.43
CA TYR A 197 3.16 -23.18 7.08
C TYR A 197 2.36 -23.25 5.78
N ASP A 198 2.15 -24.45 5.23
CA ASP A 198 1.41 -24.57 3.98
C ASP A 198 -0.04 -24.17 4.16
N TYR A 199 -0.62 -23.61 3.11
CA TYR A 199 -2.01 -23.16 3.10
C TYR A 199 -2.56 -23.35 1.70
N SER A 200 -3.39 -24.38 1.52
CA SER A 200 -3.96 -24.67 0.22
C SER A 200 -5.00 -23.64 -0.17
N ARG A 201 -5.26 -23.54 -1.47
CA ARG A 201 -6.25 -22.59 -1.97
C ARG A 201 -7.65 -22.94 -1.52
N GLY A 202 -7.98 -24.23 -1.40
CA GLY A 202 -9.29 -24.64 -0.96
C GLY A 202 -9.54 -24.53 0.52
N GLN A 203 -8.50 -24.27 1.30
CA GLN A 203 -8.67 -24.09 2.74
C GLN A 203 -9.26 -22.74 3.10
N LEU A 204 -9.24 -21.78 2.16
CA LEU A 204 -9.84 -20.48 2.43
C LEU A 204 -11.35 -20.58 2.57
N ILE A 205 -11.99 -21.47 1.81
CA ILE A 205 -13.43 -21.65 1.90
C ILE A 205 -13.81 -22.27 3.24
N GLU A 206 -13.06 -23.30 3.67
CA GLU A 206 -13.37 -23.97 4.92
C GLU A 206 -13.20 -23.04 6.12
N ASP A 207 -12.15 -22.21 6.11
CA ASP A 207 -11.90 -21.34 7.26
C ASP A 207 -12.91 -20.20 7.33
N VAL A 208 -13.31 -19.66 6.18
CA VAL A 208 -14.27 -18.56 6.18
C VAL A 208 -15.60 -19.02 6.75
N GLU A 209 -16.08 -20.18 6.33
CA GLU A 209 -17.34 -20.70 6.85
C GLU A 209 -17.23 -21.06 8.32
N HIS A 210 -16.07 -21.61 8.72
CA HIS A 210 -15.89 -21.99 10.12
C HIS A 210 -15.94 -20.78 11.04
N THR A 211 -15.33 -19.66 10.63
CA THR A 211 -15.35 -18.46 11.45
C THR A 211 -16.73 -17.81 11.46
N PHE A 212 -17.46 -17.86 10.33
CA PHE A 212 -18.77 -17.24 10.25
C PHE A 212 -19.82 -17.94 11.10
N GLU A 213 -19.64 -19.24 11.37
CA GLU A 213 -20.62 -19.96 12.18
C GLU A 213 -20.64 -19.47 13.62
N GLU A 214 -19.60 -18.76 14.05
CA GLU A 214 -19.53 -18.19 15.39
C GLU A 214 -19.92 -16.72 15.42
N ILE A 215 -20.37 -16.16 14.32
CA ILE A 215 -20.78 -14.75 14.27
C ILE A 215 -22.30 -14.60 14.33
N LYS A 216 -23.04 -15.62 13.89
CA LYS A 216 -24.51 -15.54 13.84
C LYS A 216 -25.17 -15.14 15.16
N PRO A 217 -24.80 -15.69 16.33
CA PRO A 217 -25.49 -15.28 17.56
C PRO A 217 -25.40 -13.79 17.85
N LEU A 218 -24.29 -13.15 17.49
CA LEU A 218 -24.22 -11.69 17.63
C LEU A 218 -25.04 -10.99 16.55
N TYR A 219 -25.02 -11.51 15.33
CA TYR A 219 -25.70 -10.84 14.23
C TYR A 219 -27.22 -10.88 14.38
N GLU A 220 -27.76 -12.02 14.84
CA GLU A 220 -29.21 -12.13 14.98
C GLU A 220 -29.74 -11.17 16.02
N HIS A 221 -29.03 -11.00 17.14
CA HIS A 221 -29.49 -10.11 18.19
C HIS A 221 -29.51 -8.65 17.72
N LEU A 222 -28.49 -8.23 16.97
CA LEU A 222 -28.51 -6.90 16.39
C LEU A 222 -29.57 -6.77 15.30
N HIS A 223 -29.78 -7.83 14.52
CA HIS A 223 -30.80 -7.81 13.47
C HIS A 223 -32.20 -7.64 14.07
N ALA A 224 -32.48 -8.33 15.17
CA ALA A 224 -33.81 -8.25 15.77
C ALA A 224 -34.04 -6.87 16.40
N TYR A 225 -33.01 -6.28 17.00
CA TYR A 225 -33.16 -4.98 17.63
C TYR A 225 -33.40 -3.89 16.60
N VAL A 226 -32.73 -3.97 15.45
CA VAL A 226 -32.94 -2.99 14.39
C VAL A 226 -34.35 -3.11 13.82
N ARG A 227 -34.85 -4.34 13.67
CA ARG A 227 -36.18 -4.54 13.14
C ARG A 227 -37.24 -3.93 14.05
N ALA A 228 -37.08 -4.07 15.37
CA ALA A 228 -38.06 -3.53 16.30
C ALA A 228 -38.12 -2.01 16.23
N LYS A 229 -36.96 -1.35 16.16
CA LYS A 229 -36.94 0.10 16.09
C LYS A 229 -37.44 0.62 14.75
N LEU A 230 -37.34 -0.19 13.69
CA LEU A 230 -37.75 0.26 12.37
C LEU A 230 -39.26 0.12 12.15
N MET A 231 -39.95 -0.62 13.01
CA MET A 231 -41.41 -0.69 12.93
C MET A 231 -42.04 0.65 13.31
N ASN A 232 -41.40 1.41 14.20
CA ASN A 232 -41.93 2.70 14.59
C ASN A 232 -41.91 3.68 13.42
N ALA A 233 -40.85 3.68 12.62
CA ALA A 233 -40.74 4.61 11.51
C ALA A 233 -41.80 4.32 10.44
N TYR A 234 -41.96 3.07 10.06
CA TYR A 234 -42.93 2.68 9.04
C TYR A 234 -44.04 1.86 9.70
N PRO A 235 -45.27 2.37 9.77
CA PRO A 235 -46.29 1.74 10.62
C PRO A 235 -46.63 0.30 10.26
N SER A 236 -47.03 0.05 9.01
CA SER A 236 -47.61 -1.23 8.62
C SER A 236 -46.84 -1.83 7.44
N TYR A 237 -45.52 -1.91 7.57
CA TYR A 237 -44.68 -2.46 6.52
C TYR A 237 -43.68 -3.51 6.99
N ILE A 238 -43.58 -3.77 8.29
CA ILE A 238 -42.60 -4.71 8.84
C ILE A 238 -43.33 -5.71 9.73
N SER A 239 -42.95 -6.98 9.63
CA SER A 239 -43.46 -8.08 10.43
C SER A 239 -42.51 -8.39 11.58
N PRO A 240 -43.03 -8.75 12.75
CA PRO A 240 -42.16 -9.03 13.90
C PRO A 240 -41.47 -10.39 13.84
N ILE A 241 -41.73 -11.20 12.84
CA ILE A 241 -41.12 -12.53 12.74
C ILE A 241 -40.46 -12.69 11.36
N GLY A 242 -40.54 -11.66 10.53
CA GLY A 242 -40.06 -11.72 9.18
C GLY A 242 -38.70 -11.07 8.99
N CYS A 243 -38.39 -10.76 7.75
CA CYS A 243 -37.13 -10.15 7.38
C CYS A 243 -37.29 -8.65 7.18
N LEU A 244 -36.23 -8.01 6.72
CA LEU A 244 -36.20 -6.56 6.50
C LEU A 244 -36.15 -6.27 5.00
N PRO A 245 -37.04 -5.43 4.48
CA PRO A 245 -36.99 -5.10 3.05
C PRO A 245 -35.69 -4.42 2.67
N ALA A 246 -35.25 -4.67 1.43
CA ALA A 246 -33.91 -4.29 1.01
C ALA A 246 -33.73 -2.78 0.83
N HIS A 247 -34.82 -2.02 0.79
CA HIS A 247 -34.73 -0.58 0.52
C HIS A 247 -34.86 0.27 1.77
N LEU A 248 -34.61 -0.29 2.94
CA LEU A 248 -34.70 0.42 4.21
C LEU A 248 -33.50 0.15 5.09
N LEU A 249 -32.29 0.18 4.52
CA LEU A 249 -31.08 -0.08 5.27
C LEU A 249 -30.11 1.08 5.30
N GLY A 250 -30.50 2.26 4.81
CA GLY A 250 -29.69 3.44 4.87
C GLY A 250 -28.73 3.63 3.70
N ASP A 251 -28.68 2.68 2.77
CA ASP A 251 -27.90 2.84 1.55
C ASP A 251 -28.56 2.01 0.46
N MET A 252 -27.97 2.06 -0.74
CA MET A 252 -28.65 1.49 -1.90
C MET A 252 -28.56 -0.03 -1.96
N TRP A 253 -27.44 -0.61 -1.54
CA TRP A 253 -27.24 -2.06 -1.66
C TRP A 253 -27.28 -2.79 -0.32
N GLY A 254 -27.43 -2.08 0.79
CA GLY A 254 -27.38 -2.73 2.09
C GLY A 254 -25.98 -3.07 2.55
N ARG A 255 -24.95 -2.52 1.91
CA ARG A 255 -23.58 -2.85 2.27
C ARG A 255 -23.24 -2.38 3.68
N PHE A 256 -23.67 -1.17 4.05
CA PHE A 256 -23.44 -0.63 5.38
C PHE A 256 -24.76 -0.15 5.97
N TRP A 257 -24.84 -0.21 7.30
CA TRP A 257 -26.03 0.22 8.04
C TRP A 257 -25.78 1.52 8.80
N THR A 258 -24.86 2.36 8.33
CA THR A 258 -24.45 3.54 9.09
C THR A 258 -25.56 4.59 9.12
N ASN A 259 -26.32 4.73 8.03
CA ASN A 259 -27.32 5.79 7.94
C ASN A 259 -28.56 5.49 8.75
N LEU A 260 -28.63 4.35 9.43
CA LEU A 260 -29.76 4.00 10.27
C LEU A 260 -29.58 4.45 11.72
N TYR A 261 -28.49 5.17 12.02
CA TYR A 261 -28.20 5.56 13.39
C TYR A 261 -29.25 6.51 13.95
N SER A 262 -29.83 7.36 13.10
CA SER A 262 -30.83 8.32 13.59
C SER A 262 -32.07 7.62 14.09
N LEU A 263 -32.50 6.55 13.42
CA LEU A 263 -33.69 5.82 13.79
C LEU A 263 -33.43 4.73 14.82
N THR A 264 -32.17 4.43 15.15
CA THR A 264 -31.85 3.32 16.04
C THR A 264 -30.89 3.73 17.15
N VAL A 265 -30.86 5.00 17.51
CA VAL A 265 -29.98 5.44 18.61
C VAL A 265 -30.52 4.92 19.93
N PRO A 266 -29.69 4.27 20.76
CA PRO A 266 -30.21 3.74 22.03
C PRO A 266 -30.56 4.82 23.03
N PHE A 267 -29.69 5.82 23.20
CA PHE A 267 -29.93 6.94 24.11
C PHE A 267 -29.76 8.23 23.31
N GLY A 268 -30.87 8.78 22.83
CA GLY A 268 -30.84 9.94 21.96
C GLY A 268 -30.58 11.26 22.65
N GLN A 269 -30.76 11.34 23.97
CA GLN A 269 -30.57 12.60 24.67
C GLN A 269 -29.10 12.92 24.91
N LYS A 270 -28.20 11.96 24.73
CA LYS A 270 -26.78 12.17 24.97
C LYS A 270 -26.04 12.29 23.65
N PRO A 271 -25.40 13.43 23.37
CA PRO A 271 -24.72 13.59 22.08
C PRO A 271 -23.38 12.87 22.04
N ASN A 272 -22.89 12.69 20.81
CA ASN A 272 -21.63 12.01 20.60
C ASN A 272 -20.45 12.97 20.77
N ILE A 273 -19.25 12.42 20.69
CA ILE A 273 -18.03 13.19 20.87
C ILE A 273 -17.64 13.85 19.56
N ASP A 274 -17.51 15.18 19.58
CA ASP A 274 -17.09 15.93 18.40
C ASP A 274 -16.18 17.07 18.87
N VAL A 275 -14.98 17.14 18.33
CA VAL A 275 -13.99 18.12 18.78
C VAL A 275 -13.70 19.13 17.67
N THR A 276 -14.62 19.25 16.72
CA THR A 276 -14.45 20.22 15.64
C THR A 276 -14.43 21.65 16.19
N ASP A 277 -15.33 21.94 17.15
CA ASP A 277 -15.39 23.28 17.70
C ASP A 277 -14.11 23.64 18.46
N ALA A 278 -13.54 22.67 19.18
CA ALA A 278 -12.33 22.95 19.94
C ALA A 278 -11.13 23.20 19.03
N MET A 279 -11.13 22.60 17.83
CA MET A 279 -10.02 22.79 16.92
C MET A 279 -10.04 24.17 16.27
N VAL A 280 -11.22 24.63 15.86
CA VAL A 280 -11.31 25.92 15.18
C VAL A 280 -11.08 27.06 16.15
N ASP A 281 -11.45 26.88 17.42
CA ASP A 281 -11.20 27.92 18.42
C ASP A 281 -9.71 28.09 18.68
N GLN A 282 -8.95 27.00 18.60
CA GLN A 282 -7.51 27.05 18.80
C GLN A 282 -6.73 27.28 17.51
N ALA A 283 -7.42 27.65 16.42
CA ALA A 283 -6.78 28.02 15.15
C ALA A 283 -5.92 26.90 14.59
N TRP A 284 -6.44 25.67 14.63
CA TRP A 284 -5.75 24.57 13.98
C TRP A 284 -5.82 24.71 12.47
N ASP A 285 -4.74 24.30 11.80
CA ASP A 285 -4.68 24.34 10.34
C ASP A 285 -4.36 22.96 9.78
N ALA A 286 -4.16 22.89 8.47
CA ALA A 286 -3.83 21.62 7.84
C ALA A 286 -2.48 21.09 8.30
N GLN A 287 -1.50 21.99 8.47
CA GLN A 287 -0.17 21.57 8.88
C GLN A 287 -0.15 20.97 10.28
N ARG A 288 -0.96 21.52 11.19
CA ARG A 288 -0.98 21.01 12.56
C ARG A 288 -1.53 19.59 12.62
N ILE A 289 -2.50 19.26 11.77
CA ILE A 289 -3.12 17.93 11.81
C ILE A 289 -2.08 16.86 11.48
N PHE A 290 -1.29 17.09 10.45
CA PHE A 290 -0.26 16.14 10.07
C PHE A 290 0.96 16.19 10.98
N LYS A 291 1.16 17.29 11.72
CA LYS A 291 2.25 17.34 12.67
C LYS A 291 1.93 16.54 13.93
N GLU A 292 0.67 16.57 14.37
CA GLU A 292 0.27 15.81 15.55
C GLU A 292 0.27 14.31 15.29
N ALA A 293 -0.16 13.89 14.11
CA ALA A 293 -0.23 12.46 13.81
C ALA A 293 1.16 11.86 13.68
N GLU A 294 2.15 12.65 13.24
CA GLU A 294 3.52 12.15 13.18
C GLU A 294 4.06 11.85 14.57
N LYS A 295 3.70 12.66 15.56
CA LYS A 295 4.14 12.41 16.93
C LYS A 295 3.60 11.09 17.47
N PHE A 296 2.43 10.65 16.98
CA PHE A 296 1.85 9.40 17.44
C PHE A 296 2.74 8.22 17.08
N PHE A 297 3.30 8.21 15.88
CA PHE A 297 4.14 7.11 15.43
C PHE A 297 5.53 7.14 16.05
N VAL A 298 6.03 8.33 16.38
CA VAL A 298 7.35 8.43 17.00
C VAL A 298 7.33 7.81 18.40
N SER A 299 6.22 7.98 19.12
CA SER A 299 6.13 7.47 20.48
C SER A 299 6.24 5.95 20.53
N VAL A 300 5.68 5.25 19.53
CA VAL A 300 5.71 3.80 19.53
C VAL A 300 7.01 3.22 19.00
N GLY A 301 7.98 4.07 18.65
CA GLY A 301 9.28 3.62 18.21
C GLY A 301 9.52 3.69 16.71
N LEU A 302 8.47 3.85 15.92
CA LEU A 302 8.61 3.93 14.48
C LEU A 302 9.28 5.25 14.08
N PRO A 303 9.97 5.29 12.94
CA PRO A 303 10.67 6.52 12.55
C PRO A 303 9.69 7.61 12.14
N ASN A 304 10.28 8.80 11.92
CA ASN A 304 9.55 10.04 11.52
C ASN A 304 9.77 10.36 10.06
N MET A 305 8.98 11.30 9.58
CA MET A 305 8.90 11.59 8.15
C MET A 305 10.18 12.20 7.61
N THR A 306 10.42 11.96 6.33
CA THR A 306 11.61 12.46 5.64
C THR A 306 11.48 13.95 5.35
N GLN A 307 12.61 14.55 4.97
CA GLN A 307 12.62 15.96 4.60
C GLN A 307 11.79 16.22 3.35
N GLY A 308 11.86 15.32 2.36
CA GLY A 308 11.10 15.49 1.14
C GLY A 308 9.61 15.33 1.29
N PHE A 309 9.15 14.71 2.39
CA PHE A 309 7.71 14.62 2.63
C PHE A 309 7.10 16.00 2.80
N TRP A 310 7.76 16.87 3.56
CA TRP A 310 7.20 18.20 3.83
C TRP A 310 7.36 19.14 2.64
N GLU A 311 8.44 19.01 1.87
CA GLU A 311 8.68 19.93 0.77
C GLU A 311 7.81 19.60 -0.44
N ASN A 312 7.35 18.36 -0.57
CA ASN A 312 6.73 17.90 -1.81
C ASN A 312 5.26 17.53 -1.68
N SER A 313 4.77 17.24 -0.49
CA SER A 313 3.40 16.78 -0.34
C SER A 313 2.42 17.93 -0.53
N MET A 314 1.15 17.57 -0.69
CA MET A 314 0.06 18.52 -0.89
C MET A 314 -0.98 18.29 0.19
N LEU A 315 -1.12 19.26 1.10
CA LEU A 315 -1.99 19.11 2.26
C LEU A 315 -3.10 20.16 2.33
N THR A 316 -3.31 20.92 1.26
CA THR A 316 -4.32 21.97 1.24
C THR A 316 -4.80 22.16 -0.20
N ASP A 317 -6.09 22.47 -0.34
CA ASP A 317 -6.65 22.69 -1.66
C ASP A 317 -5.95 23.86 -2.34
N PRO A 318 -5.52 23.71 -3.59
CA PRO A 318 -4.74 24.78 -4.23
C PRO A 318 -5.50 26.09 -4.37
N GLY A 319 -6.79 26.03 -4.65
CA GLY A 319 -7.54 27.24 -4.88
C GLY A 319 -7.12 27.91 -6.18
N ASN A 320 -7.59 29.15 -6.33
CA ASN A 320 -7.25 30.02 -7.47
C ASN A 320 -7.67 29.28 -8.75
N VAL A 321 -6.78 29.08 -9.72
CA VAL A 321 -7.14 28.43 -10.97
C VAL A 321 -6.65 26.99 -11.04
N GLN A 322 -5.68 26.59 -10.23
CA GLN A 322 -5.18 25.23 -10.25
C GLN A 322 -6.22 24.25 -9.71
N LYS A 323 -6.42 23.15 -10.42
CA LYS A 323 -7.36 22.12 -10.02
C LYS A 323 -6.62 20.83 -9.66
N ALA A 324 -7.31 19.96 -8.94
CA ALA A 324 -6.71 18.73 -8.46
C ALA A 324 -7.81 17.74 -8.10
N VAL A 325 -7.41 16.50 -7.86
CA VAL A 325 -8.30 15.45 -7.37
C VAL A 325 -8.15 15.35 -5.86
N CYS A 326 -9.27 15.36 -5.14
CA CYS A 326 -9.26 15.49 -3.69
C CYS A 326 -9.39 14.16 -2.95
N HIS A 327 -9.22 13.04 -3.63
CA HIS A 327 -9.27 11.75 -2.94
C HIS A 327 -8.01 11.59 -2.09
N PRO A 328 -8.13 11.31 -0.79
CA PRO A 328 -6.95 11.10 0.03
C PRO A 328 -6.25 9.80 -0.36
N THR A 329 -4.94 9.89 -0.57
CA THR A 329 -4.14 8.75 -1.00
C THR A 329 -2.74 8.85 -0.43
N ALA A 330 -2.06 7.72 -0.37
CA ALA A 330 -0.67 7.63 0.04
C ALA A 330 0.15 7.15 -1.15
N TRP A 331 1.26 7.84 -1.42
CA TRP A 331 2.06 7.59 -2.61
C TRP A 331 3.42 7.04 -2.22
N ASP A 332 3.91 6.06 -2.98
CA ASP A 332 5.26 5.52 -2.86
C ASP A 332 5.85 5.65 -4.27
N LEU A 333 6.42 6.81 -4.57
CA LEU A 333 6.90 7.12 -5.90
C LEU A 333 8.14 6.34 -6.29
N GLY A 334 8.91 5.84 -5.33
CA GLY A 334 10.15 5.16 -5.61
C GLY A 334 11.36 6.00 -5.28
N LYS A 335 12.51 5.32 -5.15
CA LYS A 335 13.78 5.96 -4.83
C LYS A 335 13.69 6.76 -3.52
N GLY A 336 12.95 6.23 -2.56
CA GLY A 336 12.80 6.88 -1.27
C GLY A 336 11.92 8.11 -1.27
N ASP A 337 10.91 8.17 -2.15
CA ASP A 337 10.02 9.32 -2.25
C ASP A 337 8.64 8.93 -1.74
N PHE A 338 8.16 9.66 -0.72
CA PHE A 338 6.85 9.42 -0.14
C PHE A 338 6.13 10.76 0.03
N ARG A 339 4.88 10.82 -0.42
CA ARG A 339 4.07 12.04 -0.30
C ARG A 339 2.64 11.65 0.04
N ILE A 340 1.85 12.66 0.41
CA ILE A 340 0.43 12.51 0.71
C ILE A 340 -0.34 13.61 0.01
N LEU A 341 -1.39 13.24 -0.71
CA LEU A 341 -2.29 14.20 -1.35
C LEU A 341 -3.59 14.21 -0.57
N MET A 342 -4.01 15.40 -0.11
CA MET A 342 -5.20 15.53 0.70
C MET A 342 -5.71 16.95 0.67
N CYS A 343 -7.02 17.09 0.52
CA CYS A 343 -7.70 18.38 0.62
C CYS A 343 -8.23 18.56 2.03
N THR A 344 -7.32 18.89 2.93
CA THR A 344 -7.60 18.85 4.37
C THR A 344 -8.56 19.95 4.78
N LYS A 345 -9.47 19.62 5.69
CA LYS A 345 -10.35 20.56 6.36
C LYS A 345 -10.18 20.42 7.87
N VAL A 346 -10.54 21.48 8.59
CA VAL A 346 -10.37 21.50 10.05
C VAL A 346 -11.64 20.87 10.63
N THR A 347 -11.65 19.54 10.67
CA THR A 347 -12.76 18.77 11.21
C THR A 347 -12.20 17.54 11.91
N MET A 348 -13.08 16.87 12.66
CA MET A 348 -12.72 15.61 13.31
C MET A 348 -12.60 14.46 12.32
N ASP A 349 -13.41 14.46 11.26
CA ASP A 349 -13.31 13.42 10.25
C ASP A 349 -11.96 13.45 9.54
N ASP A 350 -11.47 14.65 9.21
CA ASP A 350 -10.18 14.79 8.56
C ASP A 350 -9.01 14.51 9.51
N PHE A 351 -9.22 14.67 10.81
CA PHE A 351 -8.15 14.37 11.76
C PHE A 351 -7.90 12.87 11.86
N LEU A 352 -8.95 12.06 11.79
CA LEU A 352 -8.78 10.62 11.92
C LEU A 352 -8.19 10.01 10.65
N THR A 353 -8.64 10.46 9.48
CA THR A 353 -8.14 9.89 8.23
C THR A 353 -6.71 10.30 7.94
N ALA A 354 -6.19 11.32 8.63
CA ALA A 354 -4.77 11.65 8.51
C ALA A 354 -3.91 10.55 9.12
N HIS A 355 -4.36 9.97 10.23
CA HIS A 355 -3.64 8.85 10.82
C HIS A 355 -3.74 7.61 9.95
N HIS A 356 -4.88 7.43 9.27
CA HIS A 356 -5.04 6.29 8.38
C HIS A 356 -4.07 6.36 7.21
N GLU A 357 -3.91 7.54 6.62
CA GLU A 357 -3.02 7.66 5.46
C GLU A 357 -1.57 7.61 5.88
N MET A 358 -1.22 8.23 7.00
CA MET A 358 0.16 8.22 7.47
C MET A 358 0.58 6.82 7.94
N GLY A 359 -0.38 5.99 8.35
CA GLY A 359 -0.07 4.61 8.66
C GLY A 359 0.35 3.82 7.43
N HIS A 360 -0.24 4.13 6.27
CA HIS A 360 0.18 3.49 5.03
C HIS A 360 1.63 3.83 4.70
N ILE A 361 2.02 5.09 4.93
CA ILE A 361 3.37 5.52 4.57
C ILE A 361 4.41 4.80 5.42
N GLN A 362 4.12 4.57 6.70
CA GLN A 362 5.05 3.88 7.57
C GLN A 362 5.30 2.46 7.10
N TYR A 363 4.27 1.80 6.58
CA TYR A 363 4.45 0.47 6.02
C TYR A 363 5.38 0.50 4.81
N ASP A 364 5.24 1.52 3.96
CA ASP A 364 6.05 1.60 2.75
C ASP A 364 7.53 1.80 3.07
N MET A 365 7.84 2.50 4.16
CA MET A 365 9.24 2.67 4.55
C MET A 365 9.84 1.38 5.06
N ALA A 366 9.03 0.53 5.70
CA ALA A 366 9.55 -0.65 6.37
C ALA A 366 10.19 -1.62 5.38
N TYR A 367 9.54 -1.84 4.23
CA TYR A 367 10.03 -2.80 3.25
C TYR A 367 10.68 -2.13 2.05
N ALA A 368 11.17 -0.90 2.19
CA ALA A 368 11.90 -0.24 1.11
C ALA A 368 13.26 -0.88 0.87
N ALA A 369 13.80 -1.60 1.86
CA ALA A 369 15.08 -2.28 1.69
C ALA A 369 14.93 -3.65 1.05
N GLN A 370 13.70 -4.15 0.93
CA GLN A 370 13.47 -5.42 0.27
C GLN A 370 13.66 -5.27 -1.23
N PRO A 371 13.90 -6.38 -1.95
CA PRO A 371 13.93 -6.33 -3.41
C PRO A 371 12.67 -5.72 -4.01
N PHE A 372 12.74 -5.28 -5.26
CA PHE A 372 11.64 -4.52 -5.85
C PHE A 372 10.36 -5.36 -5.95
N LEU A 373 10.49 -6.61 -6.38
CA LEU A 373 9.31 -7.45 -6.58
C LEU A 373 8.66 -7.89 -5.27
N LEU A 374 9.32 -7.69 -4.14
CA LEU A 374 8.80 -8.08 -2.84
C LEU A 374 8.51 -6.87 -1.96
N ARG A 375 7.94 -5.82 -2.55
CA ARG A 375 7.60 -4.59 -1.85
C ARG A 375 6.08 -4.46 -1.84
N ASN A 376 5.44 -5.09 -0.85
CA ASN A 376 3.99 -5.03 -0.67
C ASN A 376 3.69 -5.65 0.70
N GLY A 377 2.40 -5.74 1.02
CA GLY A 377 1.97 -6.42 2.22
C GLY A 377 2.00 -7.93 2.06
N ALA A 378 1.77 -8.63 3.17
CA ALA A 378 1.80 -10.08 3.15
C ALA A 378 0.73 -10.64 2.21
N ASN A 379 -0.47 -10.07 2.25
CA ASN A 379 -1.53 -10.42 1.32
C ASN A 379 -2.38 -9.19 1.07
N GLU A 380 -3.51 -9.38 0.39
CA GLU A 380 -4.34 -8.25 -0.03
C GLU A 380 -5.00 -7.54 1.14
N GLY A 381 -5.12 -8.18 2.30
CA GLY A 381 -5.78 -7.60 3.44
C GLY A 381 -4.89 -7.06 4.54
N PHE A 382 -3.59 -6.93 4.30
CA PHE A 382 -2.68 -6.52 5.36
C PHE A 382 -2.46 -5.01 5.39
N HIS A 383 -2.39 -4.38 4.22
CA HIS A 383 -2.12 -2.94 4.17
C HIS A 383 -3.23 -2.13 4.82
N GLU A 384 -4.48 -2.48 4.53
CA GLU A 384 -5.62 -1.76 5.08
C GLU A 384 -5.79 -1.96 6.58
N ALA A 385 -5.50 -3.17 7.08
CA ALA A 385 -5.65 -3.43 8.50
C ALA A 385 -4.69 -2.61 9.36
N VAL A 386 -3.47 -2.37 8.86
CA VAL A 386 -2.51 -1.58 9.63
C VAL A 386 -3.00 -0.16 9.81
N GLY A 387 -3.54 0.45 8.75
CA GLY A 387 -4.04 1.80 8.86
C GLY A 387 -5.26 1.93 9.75
N GLU A 388 -6.13 0.92 9.75
CA GLU A 388 -7.38 1.00 10.51
C GLU A 388 -7.12 1.06 12.00
N ILE A 389 -6.17 0.26 12.50
CA ILE A 389 -5.91 0.22 13.94
C ILE A 389 -5.32 1.52 14.45
N MET A 390 -4.73 2.35 13.59
CA MET A 390 -4.21 3.63 14.02
C MET A 390 -5.35 4.62 14.29
N SER A 391 -6.39 4.58 13.46
CA SER A 391 -7.53 5.48 13.67
C SER A 391 -8.35 5.07 14.89
N LEU A 392 -8.34 3.78 15.24
CA LEU A 392 -9.07 3.33 16.42
C LEU A 392 -8.46 3.91 17.70
N SER A 393 -7.13 3.97 17.77
CA SER A 393 -6.48 4.45 18.98
C SER A 393 -6.64 5.95 19.13
N ALA A 394 -6.55 6.70 18.03
CA ALA A 394 -6.68 8.15 18.10
C ALA A 394 -8.10 8.60 18.44
N ALA A 395 -9.10 7.77 18.15
CA ALA A 395 -10.48 8.13 18.44
C ALA A 395 -10.87 7.90 19.89
N THR A 396 -10.01 7.26 20.68
CA THR A 396 -10.32 7.02 22.08
C THR A 396 -10.36 8.34 22.85
N PRO A 397 -11.29 8.48 23.80
CA PRO A 397 -11.34 9.71 24.60
C PRO A 397 -10.07 9.99 25.37
N LYS A 398 -9.38 8.95 25.86
CA LYS A 398 -8.17 9.17 26.65
C LYS A 398 -7.07 9.79 25.80
N HIS A 399 -6.94 9.36 24.55
CA HIS A 399 -5.94 9.94 23.66
C HIS A 399 -6.24 11.41 23.37
N LEU A 400 -7.52 11.75 23.18
CA LEU A 400 -7.88 13.13 22.85
C LEU A 400 -7.60 14.07 24.02
N LYS A 401 -7.70 13.56 25.25
CA LYS A 401 -7.33 14.37 26.41
C LYS A 401 -5.86 14.73 26.39
N SER A 402 -5.00 13.79 25.99
CA SER A 402 -3.56 14.03 25.99
C SER A 402 -3.17 15.15 25.03
N ILE A 403 -3.77 15.18 23.85
CA ILE A 403 -3.42 16.18 22.84
C ILE A 403 -4.17 17.49 23.04
N GLY A 404 -4.95 17.62 24.10
CA GLY A 404 -5.56 18.89 24.43
C GLY A 404 -6.83 19.23 23.67
N LEU A 405 -7.43 18.27 22.98
CA LEU A 405 -8.65 18.54 22.22
C LEU A 405 -9.91 18.41 23.08
N LEU A 406 -9.94 17.43 23.97
CA LEU A 406 -11.06 17.22 24.88
C LEU A 406 -10.66 17.62 26.29
N SER A 407 -11.53 18.37 26.95
CA SER A 407 -11.20 18.91 28.26
C SER A 407 -11.08 17.79 29.29
N PRO A 408 -10.23 17.96 30.31
CA PRO A 408 -10.13 16.93 31.36
C PRO A 408 -11.39 16.80 32.19
N ASP A 409 -12.35 17.72 32.07
CA ASP A 409 -13.61 17.66 32.78
C ASP A 409 -14.68 16.90 32.01
N PHE A 410 -14.28 15.94 31.17
CA PHE A 410 -15.20 15.12 30.39
C PHE A 410 -15.35 13.77 31.07
N GLN A 411 -16.57 13.47 31.52
CA GLN A 411 -16.86 12.20 32.18
C GLN A 411 -17.52 11.24 31.19
N GLU A 412 -17.00 10.02 31.14
CA GLU A 412 -17.56 8.98 30.27
C GLU A 412 -18.49 8.09 31.08
N ASP A 413 -19.74 7.98 30.62
CA ASP A 413 -20.73 7.15 31.27
C ASP A 413 -21.04 5.93 30.42
N ASN A 414 -21.68 4.94 31.04
CA ASN A 414 -22.02 3.71 30.33
C ASN A 414 -23.00 3.95 29.19
N GLU A 415 -23.83 5.00 29.29
CA GLU A 415 -24.79 5.28 28.24
C GLU A 415 -24.10 5.66 26.93
N THR A 416 -23.06 6.51 27.01
CA THR A 416 -22.35 6.90 25.81
C THR A 416 -21.48 5.77 25.27
N GLU A 417 -21.06 4.85 26.14
CA GLU A 417 -20.26 3.71 25.70
C GLU A 417 -21.05 2.81 24.77
N ILE A 418 -22.33 2.56 25.10
CA ILE A 418 -23.16 1.74 24.23
C ILE A 418 -23.44 2.47 22.92
N ASN A 419 -23.59 3.79 22.96
CA ASN A 419 -23.86 4.55 21.75
C ASN A 419 -22.70 4.46 20.77
N PHE A 420 -21.47 4.53 21.28
CA PHE A 420 -20.30 4.41 20.41
C PHE A 420 -20.21 3.04 19.77
N LEU A 421 -20.49 1.98 20.54
CA LEU A 421 -20.36 0.63 20.02
C LEU A 421 -21.41 0.33 18.95
N LEU A 422 -22.64 0.79 19.15
CA LEU A 422 -23.68 0.53 18.16
C LEU A 422 -23.37 1.20 16.83
N LYS A 423 -22.83 2.42 16.88
CA LYS A 423 -22.39 3.08 15.65
C LYS A 423 -21.31 2.28 14.94
N GLN A 424 -20.34 1.76 15.71
CA GLN A 424 -19.32 0.90 15.13
C GLN A 424 -19.91 -0.41 14.64
N ALA A 425 -20.87 -0.98 15.38
CA ALA A 425 -21.46 -2.25 14.98
C ALA A 425 -22.23 -2.14 13.68
N LEU A 426 -22.91 -1.01 13.45
CA LEU A 426 -23.68 -0.82 12.23
C LEU A 426 -22.81 -0.73 10.98
N THR A 427 -21.49 -0.58 11.14
CA THR A 427 -20.57 -0.49 10.03
C THR A 427 -19.70 -1.73 9.87
N ILE A 428 -19.20 -2.27 10.99
CA ILE A 428 -18.28 -3.41 10.93
C ILE A 428 -19.06 -4.73 10.86
N VAL A 429 -19.89 -4.97 11.87
CA VAL A 429 -20.60 -6.25 11.94
C VAL A 429 -21.64 -6.36 10.84
N GLY A 430 -22.32 -5.24 10.53
CA GLY A 430 -23.41 -5.29 9.57
C GLY A 430 -22.97 -5.68 8.17
N THR A 431 -21.74 -5.35 7.80
CA THR A 431 -21.23 -5.64 6.47
C THR A 431 -20.65 -7.04 6.32
N LEU A 432 -20.41 -7.75 7.43
CA LEU A 432 -19.81 -9.08 7.34
C LEU A 432 -20.72 -10.09 6.63
N PRO A 433 -22.01 -10.22 6.95
CA PRO A 433 -22.86 -11.13 6.15
C PRO A 433 -22.96 -10.74 4.70
N PHE A 434 -22.95 -9.44 4.39
CA PHE A 434 -23.05 -9.01 3.00
C PHE A 434 -21.81 -9.41 2.20
N THR A 435 -20.62 -9.25 2.78
CA THR A 435 -19.40 -9.61 2.08
C THR A 435 -19.29 -11.12 1.90
N TYR A 436 -19.64 -11.88 2.93
CA TYR A 436 -19.54 -13.33 2.85
C TYR A 436 -20.50 -13.92 1.83
N MET A 437 -21.71 -13.36 1.72
CA MET A 437 -22.70 -13.92 0.80
C MET A 437 -22.35 -13.60 -0.65
N LEU A 438 -21.92 -12.37 -0.93
CA LEU A 438 -21.63 -11.98 -2.31
C LEU A 438 -20.47 -12.76 -2.88
N GLU A 439 -19.40 -12.92 -2.11
CA GLU A 439 -18.24 -13.69 -2.59
C GLU A 439 -18.61 -15.15 -2.79
N LYS A 440 -19.43 -15.70 -1.90
CA LYS A 440 -19.89 -17.08 -2.05
C LYS A 440 -20.72 -17.25 -3.32
N TRP A 441 -21.59 -16.28 -3.62
CA TRP A 441 -22.37 -16.34 -4.85
C TRP A 441 -21.48 -16.30 -6.08
N ARG A 442 -20.45 -15.44 -6.07
CA ARG A 442 -19.53 -15.37 -7.20
C ARG A 442 -18.70 -16.64 -7.32
N TRP A 443 -18.27 -17.20 -6.18
CA TRP A 443 -17.45 -18.40 -6.21
C TRP A 443 -18.19 -19.57 -6.86
N MET A 444 -19.44 -19.81 -6.42
CA MET A 444 -20.19 -20.95 -6.93
C MET A 444 -20.68 -20.76 -8.35
N VAL A 445 -20.81 -19.52 -8.82
CA VAL A 445 -21.16 -19.29 -10.21
C VAL A 445 -20.00 -19.69 -11.13
N PHE A 446 -18.76 -19.36 -10.72
CA PHE A 446 -17.61 -19.71 -11.53
C PHE A 446 -17.44 -21.22 -11.62
N LYS A 447 -17.64 -21.94 -10.52
CA LYS A 447 -17.56 -23.39 -10.57
C LYS A 447 -18.65 -24.00 -11.44
N GLY A 448 -19.76 -23.31 -11.61
CA GLY A 448 -20.83 -23.77 -12.46
C GLY A 448 -21.91 -24.57 -11.78
N GLU A 449 -21.96 -24.57 -10.44
CA GLU A 449 -23.00 -25.28 -9.71
C GLU A 449 -24.31 -24.51 -9.64
N ILE A 450 -24.32 -23.24 -10.05
CA ILE A 450 -25.54 -22.47 -10.21
C ILE A 450 -25.80 -22.32 -11.71
N PRO A 451 -26.81 -23.00 -12.26
CA PRO A 451 -27.08 -22.87 -13.70
C PRO A 451 -27.50 -21.47 -14.07
N LYS A 452 -27.32 -21.15 -15.35
CA LYS A 452 -27.60 -19.80 -15.84
C LYS A 452 -29.07 -19.42 -15.66
N ASP A 453 -29.94 -20.41 -15.52
CA ASP A 453 -31.36 -20.15 -15.33
C ASP A 453 -31.78 -20.06 -13.87
N GLN A 454 -30.82 -20.14 -12.93
CA GLN A 454 -31.11 -20.02 -11.51
C GLN A 454 -30.19 -19.02 -10.83
N TRP A 455 -29.64 -18.06 -11.57
CA TRP A 455 -28.77 -17.05 -10.98
C TRP A 455 -29.52 -16.20 -9.97
N MET A 456 -30.68 -15.66 -10.37
CA MET A 456 -31.45 -14.80 -9.48
C MET A 456 -32.19 -15.59 -8.41
N LYS A 457 -32.62 -16.81 -8.73
CA LYS A 457 -33.35 -17.61 -7.74
C LYS A 457 -32.49 -17.92 -6.53
N LYS A 458 -31.22 -18.29 -6.74
CA LYS A 458 -30.33 -18.57 -5.64
C LYS A 458 -29.76 -17.31 -5.01
N TRP A 459 -29.82 -16.17 -5.71
CA TRP A 459 -29.34 -14.92 -5.13
C TRP A 459 -30.19 -14.50 -3.94
N TRP A 460 -31.51 -14.56 -4.07
CA TRP A 460 -32.40 -14.15 -3.00
C TRP A 460 -32.68 -15.27 -2.00
N GLU A 461 -32.40 -16.52 -2.36
CA GLU A 461 -32.49 -17.60 -1.38
C GLU A 461 -31.37 -17.50 -0.36
N MET A 462 -30.17 -17.13 -0.81
CA MET A 462 -29.07 -16.91 0.13
C MET A 462 -29.25 -15.62 0.91
N LYS A 463 -29.90 -14.62 0.31
CA LYS A 463 -30.16 -13.37 1.02
C LYS A 463 -31.06 -13.59 2.23
N ARG A 464 -32.09 -14.41 2.07
CA ARG A 464 -33.06 -14.62 3.15
C ARG A 464 -32.53 -15.56 4.23
N GLU A 465 -31.51 -16.36 3.93
CA GLU A 465 -31.04 -17.36 4.87
C GLU A 465 -29.81 -16.89 5.66
N ILE A 466 -28.89 -16.18 5.00
CA ILE A 466 -27.67 -15.74 5.64
C ILE A 466 -27.76 -14.28 6.09
N VAL A 467 -28.34 -13.42 5.26
CA VAL A 467 -28.41 -11.99 5.55
C VAL A 467 -29.78 -11.64 6.12
N GLY A 468 -30.79 -12.42 5.76
CA GLY A 468 -32.13 -12.15 6.23
C GLY A 468 -32.73 -10.86 5.69
N VAL A 469 -32.59 -10.62 4.39
CA VAL A 469 -33.14 -9.44 3.73
C VAL A 469 -34.02 -9.91 2.59
N VAL A 470 -35.26 -9.42 2.54
CA VAL A 470 -36.24 -9.84 1.55
C VAL A 470 -36.43 -8.72 0.53
N GLU A 471 -36.70 -9.10 -0.71
CA GLU A 471 -36.92 -8.11 -1.75
C GLU A 471 -38.32 -7.53 -1.67
N PRO A 472 -38.51 -6.28 -2.08
CA PRO A 472 -39.85 -5.68 -2.04
C PRO A 472 -40.69 -6.04 -3.26
N VAL A 473 -40.03 -6.26 -4.39
CA VAL A 473 -40.71 -6.57 -5.65
C VAL A 473 -40.10 -7.84 -6.23
N PRO A 474 -40.91 -8.78 -6.72
CA PRO A 474 -40.33 -10.02 -7.28
C PRO A 474 -39.42 -9.72 -8.46
N HIS A 475 -38.30 -10.43 -8.51
CA HIS A 475 -37.29 -10.26 -9.54
C HIS A 475 -37.10 -11.57 -10.30
N ASP A 476 -37.35 -11.54 -11.60
CA ASP A 476 -37.25 -12.72 -12.43
C ASP A 476 -35.85 -12.83 -13.01
N GLU A 477 -35.67 -13.72 -13.98
CA GLU A 477 -34.35 -14.08 -14.47
C GLU A 477 -33.71 -13.00 -15.35
N THR A 478 -34.44 -11.96 -15.72
CA THR A 478 -33.91 -10.91 -16.58
C THR A 478 -33.17 -9.83 -15.81
N TYR A 479 -33.09 -9.93 -14.48
CA TYR A 479 -32.39 -8.96 -13.66
C TYR A 479 -30.99 -9.46 -13.32
N CYS A 480 -30.09 -8.50 -13.06
CA CYS A 480 -28.69 -8.75 -12.73
C CYS A 480 -28.29 -7.90 -11.54
N ASP A 481 -29.09 -7.96 -10.48
CA ASP A 481 -28.91 -7.07 -9.32
C ASP A 481 -27.49 -7.05 -8.76
N PRO A 482 -26.77 -8.17 -8.59
CA PRO A 482 -25.40 -8.06 -8.07
C PRO A 482 -24.47 -7.22 -8.93
N ALA A 483 -24.77 -7.09 -10.23
CA ALA A 483 -23.93 -6.28 -11.11
C ALA A 483 -24.10 -4.78 -10.87
N SER A 484 -25.09 -4.37 -10.08
CA SER A 484 -25.30 -2.96 -9.81
C SER A 484 -24.24 -2.37 -8.87
N LEU A 485 -23.41 -3.21 -8.26
CA LEU A 485 -22.36 -2.74 -7.37
C LEU A 485 -21.10 -2.42 -8.15
N PHE A 486 -20.31 -1.49 -7.61
CA PHE A 486 -19.10 -1.05 -8.29
C PHE A 486 -18.08 -2.17 -8.41
N HIS A 487 -17.89 -2.93 -7.33
CA HIS A 487 -16.86 -3.96 -7.33
C HIS A 487 -17.19 -5.09 -8.30
N VAL A 488 -18.45 -5.50 -8.37
CA VAL A 488 -18.82 -6.62 -9.23
C VAL A 488 -18.72 -6.22 -10.70
N SER A 489 -19.19 -5.02 -11.05
CA SER A 489 -19.23 -4.62 -12.45
C SER A 489 -17.84 -4.25 -12.97
N ASN A 490 -16.95 -3.79 -12.09
CA ASN A 490 -15.62 -3.34 -12.49
C ASN A 490 -14.52 -4.34 -12.16
N ASP A 491 -14.88 -5.61 -11.89
CA ASP A 491 -13.92 -6.71 -11.76
C ASP A 491 -12.90 -6.43 -10.65
N TYR A 492 -13.43 -6.41 -9.42
CA TYR A 492 -12.63 -6.30 -8.22
C TYR A 492 -13.03 -7.40 -7.24
N SER A 493 -12.03 -8.04 -6.63
CA SER A 493 -12.31 -9.06 -5.63
C SER A 493 -12.87 -8.44 -4.36
N PHE A 494 -13.64 -9.23 -3.62
CA PHE A 494 -14.36 -8.74 -2.46
C PHE A 494 -13.98 -9.43 -1.15
N ILE A 495 -13.25 -10.55 -1.20
CA ILE A 495 -12.97 -11.29 0.03
C ILE A 495 -11.95 -10.58 0.90
N ARG A 496 -11.24 -9.58 0.37
CA ARG A 496 -10.26 -8.86 1.18
C ARG A 496 -10.91 -8.07 2.30
N TYR A 497 -12.19 -7.70 2.16
CA TYR A 497 -12.88 -6.97 3.20
C TYR A 497 -13.26 -7.86 4.37
N TYR A 498 -13.49 -9.15 4.12
CA TYR A 498 -13.80 -10.06 5.21
C TYR A 498 -12.57 -10.35 6.07
N THR A 499 -11.43 -10.59 5.41
CA THR A 499 -10.21 -10.91 6.15
C THR A 499 -9.61 -9.69 6.83
N ARG A 500 -9.77 -8.51 6.23
CA ARG A 500 -9.24 -7.29 6.84
C ARG A 500 -9.87 -7.02 8.19
N THR A 501 -11.19 -7.24 8.30
CA THR A 501 -11.87 -7.03 9.58
C THR A 501 -11.35 -7.96 10.64
N LEU A 502 -11.12 -9.23 10.30
CA LEU A 502 -10.65 -10.19 11.29
C LEU A 502 -9.19 -9.94 11.66
N TYR A 503 -8.36 -9.58 10.68
CA TYR A 503 -6.95 -9.32 10.96
C TYR A 503 -6.79 -8.11 11.88
N GLN A 504 -7.59 -7.06 11.66
CA GLN A 504 -7.41 -5.81 12.40
C GLN A 504 -7.75 -5.92 13.87
N PHE A 505 -8.58 -6.90 14.27
CA PHE A 505 -8.87 -7.11 15.67
C PHE A 505 -7.94 -8.15 16.31
N GLN A 506 -7.27 -8.96 15.51
CA GLN A 506 -6.18 -9.79 16.04
C GLN A 506 -4.95 -8.95 16.32
N PHE A 507 -4.65 -7.99 15.43
CA PHE A 507 -3.52 -7.09 15.66
C PHE A 507 -3.75 -6.23 16.89
N GLN A 508 -4.96 -5.71 17.05
CA GLN A 508 -5.25 -4.80 18.16
C GLN A 508 -5.15 -5.53 19.50
N GLU A 509 -5.70 -6.75 19.58
CA GLU A 509 -5.68 -7.49 20.83
C GLU A 509 -4.25 -7.84 21.22
N ALA A 510 -3.43 -8.27 20.26
CA ALA A 510 -2.04 -8.61 20.56
C ALA A 510 -1.25 -7.39 21.01
N LEU A 511 -1.50 -6.23 20.39
CA LEU A 511 -0.75 -5.03 20.74
C LEU A 511 -1.19 -4.45 22.09
N CYS A 512 -2.45 -4.68 22.49
CA CYS A 512 -2.89 -4.17 23.79
C CYS A 512 -2.28 -4.96 24.93
N GLN A 513 -2.05 -6.27 24.74
CA GLN A 513 -1.34 -7.05 25.75
C GLN A 513 0.09 -6.59 25.91
N ALA A 514 0.76 -6.23 24.81
CA ALA A 514 2.12 -5.72 24.89
C ALA A 514 2.19 -4.40 25.64
N ALA A 515 1.11 -3.62 25.63
CA ALA A 515 1.04 -2.37 26.34
C ALA A 515 0.50 -2.51 27.76
N LYS A 516 0.14 -3.74 28.17
CA LYS A 516 -0.36 -4.03 29.51
C LYS A 516 -1.62 -3.21 29.80
N HIS A 517 -2.66 -3.49 29.00
CA HIS A 517 -3.93 -2.78 29.07
C HIS A 517 -4.94 -3.62 29.86
N GLU A 518 -5.65 -2.97 30.76
CA GLU A 518 -6.66 -3.63 31.58
C GLU A 518 -8.03 -3.02 31.31
N GLY A 519 -8.99 -3.86 30.93
CA GLY A 519 -10.35 -3.41 30.71
C GLY A 519 -10.90 -3.82 29.37
N PRO A 520 -12.04 -3.23 28.98
CA PRO A 520 -12.62 -3.53 27.67
C PRO A 520 -11.69 -3.12 26.54
N LEU A 521 -11.77 -3.88 25.44
CA LEU A 521 -10.82 -3.70 24.35
C LEU A 521 -11.03 -2.39 23.60
N HIS A 522 -12.20 -1.77 23.73
CA HIS A 522 -12.50 -0.59 22.95
C HIS A 522 -11.93 0.69 23.54
N LYS A 523 -11.28 0.63 24.69
CA LYS A 523 -10.65 1.79 25.30
C LYS A 523 -9.13 1.73 25.26
N CYS A 524 -8.55 0.74 24.58
CA CYS A 524 -7.12 0.52 24.63
C CYS A 524 -6.38 1.47 23.69
N ASP A 525 -5.30 2.06 24.19
CA ASP A 525 -4.46 2.97 23.42
C ASP A 525 -3.04 2.43 23.41
N ILE A 526 -2.40 2.52 22.24
CA ILE A 526 -1.06 1.98 22.04
C ILE A 526 0.00 3.08 22.02
N SER A 527 -0.37 4.31 22.38
CA SER A 527 0.58 5.40 22.41
C SER A 527 1.58 5.20 23.56
N ASN A 528 2.80 5.70 23.34
CA ASN A 528 3.88 5.61 24.33
C ASN A 528 4.19 4.17 24.72
N SER A 529 4.14 3.26 23.76
CA SER A 529 4.41 1.84 23.99
C SER A 529 5.44 1.37 22.97
N THR A 530 6.67 1.15 23.43
CA THR A 530 7.74 0.68 22.54
C THR A 530 7.58 -0.79 22.21
N GLU A 531 7.10 -1.59 23.17
CA GLU A 531 6.95 -3.03 22.93
C GLU A 531 5.94 -3.30 21.83
N ALA A 532 4.84 -2.55 21.79
CA ALA A 532 3.87 -2.70 20.72
C ALA A 532 4.46 -2.34 19.37
N GLY A 533 5.24 -1.26 19.32
CA GLY A 533 5.87 -0.88 18.07
C GLY A 533 6.91 -1.87 17.59
N GLN A 534 7.71 -2.40 18.52
CA GLN A 534 8.72 -3.38 18.14
C GLN A 534 8.07 -4.66 17.61
N LYS A 535 6.98 -5.09 18.22
CA LYS A 535 6.27 -6.27 17.74
C LYS A 535 5.69 -6.03 16.35
N LEU A 536 5.17 -4.82 16.11
CA LEU A 536 4.56 -4.52 14.81
C LEU A 536 5.62 -4.35 13.72
N PHE A 537 6.80 -3.82 14.08
CA PHE A 537 7.81 -3.54 13.08
C PHE A 537 8.40 -4.80 12.48
N ASN A 538 8.40 -5.91 13.24
CA ASN A 538 8.92 -7.17 12.71
C ASN A 538 8.09 -7.64 11.52
N MET A 539 6.77 -7.54 11.61
CA MET A 539 5.91 -7.91 10.50
C MET A 539 6.08 -6.96 9.32
N LEU A 540 6.22 -5.65 9.59
CA LEU A 540 6.22 -4.66 8.53
C LEU A 540 7.46 -4.80 7.64
N ARG A 541 8.62 -5.07 8.24
CA ARG A 541 9.86 -5.13 7.48
C ARG A 541 10.03 -6.42 6.70
N LEU A 542 9.17 -7.42 6.93
CA LEU A 542 9.28 -8.66 6.16
C LEU A 542 8.81 -8.48 4.73
N GLY A 543 7.68 -7.80 4.53
CA GLY A 543 7.15 -7.65 3.19
C GLY A 543 6.57 -8.96 2.67
N LYS A 544 6.78 -9.21 1.39
CA LYS A 544 6.31 -10.42 0.73
C LYS A 544 7.34 -11.55 0.73
N SER A 545 8.49 -11.34 1.37
CA SER A 545 9.56 -12.34 1.32
C SER A 545 9.24 -13.57 2.14
N GLU A 546 8.25 -13.51 3.02
CA GLU A 546 7.91 -14.59 3.92
C GLU A 546 6.42 -14.89 3.83
N PRO A 547 6.02 -16.13 4.13
CA PRO A 547 4.59 -16.47 4.10
C PRO A 547 3.79 -15.61 5.06
N TRP A 548 2.56 -15.27 4.66
CA TRP A 548 1.68 -14.52 5.54
C TRP A 548 1.33 -15.30 6.80
N THR A 549 1.44 -16.63 6.76
CA THR A 549 1.19 -17.43 7.95
C THR A 549 2.23 -17.16 9.04
N LEU A 550 3.50 -17.07 8.66
CA LEU A 550 4.55 -16.78 9.63
C LEU A 550 4.51 -15.32 10.06
N ALA A 551 4.23 -14.42 9.12
CA ALA A 551 4.15 -13.00 9.46
C ALA A 551 3.05 -12.74 10.49
N LEU A 552 1.91 -13.42 10.34
CA LEU A 552 0.85 -13.32 11.34
C LEU A 552 1.29 -13.90 12.68
N GLU A 553 2.12 -14.96 12.65
CA GLU A 553 2.57 -15.57 13.90
C GLU A 553 3.53 -14.65 14.65
N ASN A 554 4.19 -13.73 13.95
CA ASN A 554 5.13 -12.83 14.61
C ASN A 554 4.42 -11.84 15.51
N VAL A 555 3.15 -11.54 15.22
CA VAL A 555 2.40 -10.55 15.98
C VAL A 555 1.47 -11.20 16.99
N VAL A 556 0.65 -12.15 16.54
CA VAL A 556 -0.39 -12.73 17.38
C VAL A 556 -0.04 -14.11 17.93
N GLY A 557 1.03 -14.72 17.45
CA GLY A 557 1.39 -16.05 17.90
C GLY A 557 0.51 -17.17 17.39
N ALA A 558 -0.20 -16.95 16.28
CA ALA A 558 -1.06 -17.97 15.69
C ALA A 558 -0.83 -18.01 14.19
N LYS A 559 -1.20 -19.14 13.58
CA LYS A 559 -0.96 -19.39 12.17
C LYS A 559 -2.21 -19.26 11.32
N ASN A 560 -3.38 -19.10 11.92
CA ASN A 560 -4.64 -19.05 11.18
C ASN A 560 -5.49 -17.90 11.69
N MET A 561 -6.39 -17.41 10.84
CA MET A 561 -7.28 -16.34 11.22
C MET A 561 -8.30 -16.82 12.24
N ASN A 562 -8.66 -15.92 13.16
CA ASN A 562 -9.59 -16.24 14.24
C ASN A 562 -10.60 -15.11 14.39
N VAL A 563 -11.77 -15.47 14.92
CA VAL A 563 -12.88 -14.53 15.08
C VAL A 563 -13.14 -14.19 16.53
N ARG A 564 -12.51 -14.89 17.47
CA ARG A 564 -12.74 -14.64 18.90
C ARG A 564 -12.39 -13.21 19.32
N PRO A 565 -11.27 -12.62 18.91
CA PRO A 565 -11.01 -11.22 19.30
C PRO A 565 -12.08 -10.25 18.82
N LEU A 566 -12.74 -10.53 17.69
CA LEU A 566 -13.80 -9.65 17.23
C LEU A 566 -14.96 -9.62 18.21
N LEU A 567 -15.33 -10.77 18.77
CA LEU A 567 -16.42 -10.81 19.73
C LEU A 567 -16.04 -10.16 21.06
N ASN A 568 -14.76 -10.19 21.42
CA ASN A 568 -14.33 -9.52 22.65
C ASN A 568 -14.52 -8.02 22.56
N TYR A 569 -14.26 -7.43 21.38
CA TYR A 569 -14.44 -6.00 21.20
C TYR A 569 -15.90 -5.60 21.38
N PHE A 570 -16.82 -6.44 20.90
CA PHE A 570 -18.26 -6.14 20.91
C PHE A 570 -19.00 -6.87 22.02
N GLU A 571 -18.29 -7.42 22.99
CA GLU A 571 -18.95 -8.16 24.07
C GLU A 571 -19.90 -7.31 24.92
N PRO A 572 -19.55 -6.09 25.37
CA PRO A 572 -20.53 -5.31 26.15
C PRO A 572 -21.82 -5.04 25.39
N LEU A 573 -21.74 -4.87 24.07
CA LEU A 573 -22.97 -4.67 23.30
C LEU A 573 -23.83 -5.92 23.28
N PHE A 574 -23.22 -7.11 23.30
CA PHE A 574 -23.98 -8.35 23.29
C PHE A 574 -24.88 -8.47 24.51
N THR A 575 -24.34 -8.17 25.70
CA THR A 575 -25.13 -8.33 26.92
C THR A 575 -26.32 -7.37 26.95
N TRP A 576 -26.12 -6.12 26.53
CA TRP A 576 -27.22 -5.16 26.51
C TRP A 576 -28.28 -5.54 25.49
N LEU A 577 -27.89 -6.13 24.36
CA LEU A 577 -28.86 -6.47 23.33
C LEU A 577 -29.78 -7.60 23.78
N LYS A 578 -29.26 -8.55 24.57
CA LYS A 578 -30.10 -9.64 25.06
C LYS A 578 -31.21 -9.12 25.97
N ASP A 579 -30.89 -8.14 26.82
CA ASP A 579 -31.89 -7.63 27.75
C ASP A 579 -32.98 -6.82 27.05
N GLN A 580 -32.79 -6.51 25.76
CA GLN A 580 -33.78 -5.71 25.05
C GLN A 580 -34.79 -6.60 24.35
N ASN A 581 -34.37 -7.78 23.89
CA ASN A 581 -35.22 -8.66 23.09
C ASN A 581 -35.81 -9.80 23.90
N LYS A 582 -36.00 -9.64 25.21
CA LYS A 582 -36.61 -10.69 26.00
C LYS A 582 -38.05 -10.94 25.59
N ASN A 583 -38.83 -9.86 25.44
CA ASN A 583 -40.22 -9.96 24.99
C ASN A 583 -40.32 -9.73 23.49
N SER A 584 -39.54 -10.48 22.71
CA SER A 584 -39.53 -10.33 21.26
C SER A 584 -38.96 -11.61 20.65
N PHE A 585 -39.05 -11.70 19.33
CA PHE A 585 -38.59 -12.87 18.60
C PHE A 585 -37.21 -12.62 18.00
N VAL A 586 -36.31 -13.58 18.22
CA VAL A 586 -34.95 -13.53 17.69
C VAL A 586 -34.87 -14.53 16.54
N GLY A 587 -34.49 -14.05 15.37
CA GLY A 587 -34.49 -14.84 14.16
C GLY A 587 -35.54 -14.34 13.18
N TRP A 588 -35.55 -14.97 12.00
CA TRP A 588 -36.47 -14.60 10.94
C TRP A 588 -37.01 -15.83 10.26
N SER A 589 -38.20 -15.70 9.67
CA SER A 589 -38.82 -16.77 8.91
C SER A 589 -38.75 -16.45 7.43
N THR A 590 -38.34 -17.44 6.63
CA THR A 590 -38.09 -17.21 5.21
C THR A 590 -39.37 -17.13 4.38
N ASP A 591 -40.50 -17.61 4.90
CA ASP A 591 -41.72 -17.65 4.11
C ASP A 591 -42.39 -16.30 3.95
N TRP A 592 -42.02 -15.31 4.75
CA TRP A 592 -42.65 -14.00 4.64
C TRP A 592 -42.21 -13.28 3.37
N SER A 593 -43.07 -12.36 2.91
CA SER A 593 -42.80 -11.54 1.75
C SER A 593 -43.69 -10.31 1.81
N PRO A 594 -43.19 -9.13 1.45
CA PRO A 594 -44.02 -7.92 1.51
C PRO A 594 -44.99 -7.83 0.33
N TYR A 595 -44.77 -8.62 -0.71
CA TYR A 595 -45.62 -8.59 -1.89
C TYR A 595 -46.71 -9.65 -1.87
N ALA A 596 -46.84 -10.41 -0.78
CA ALA A 596 -47.88 -11.42 -0.67
C ALA A 596 -48.40 -11.51 0.76
N THR B 15 58.32 28.47 -0.40
CA THR B 15 57.71 27.42 -1.19
C THR B 15 56.24 27.75 -1.47
N ASN B 16 55.79 27.46 -2.69
CA ASN B 16 54.46 27.85 -3.14
C ASN B 16 53.38 27.07 -2.38
N ILE B 17 52.13 27.37 -2.74
CA ILE B 17 50.97 26.83 -2.04
C ILE B 17 50.38 25.67 -2.83
N CYS B 18 49.90 24.68 -2.09
CA CYS B 18 49.35 23.45 -2.64
C CYS B 18 48.12 23.72 -3.52
N PRO B 19 47.96 22.94 -4.59
CA PRO B 19 46.82 23.14 -5.50
C PRO B 19 45.50 22.59 -4.97
N PHE B 20 45.40 22.31 -3.67
CA PHE B 20 44.17 21.70 -3.13
C PHE B 20 42.91 22.51 -3.42
N ASP B 21 42.93 23.84 -3.50
CA ASP B 21 41.70 24.58 -3.74
C ASP B 21 41.28 24.60 -5.21
N GLN B 22 42.14 24.14 -6.13
CA GLN B 22 41.79 24.08 -7.54
C GLN B 22 41.20 22.73 -7.93
N VAL B 23 41.42 21.70 -7.13
CA VAL B 23 40.81 20.39 -7.36
C VAL B 23 39.67 20.11 -6.39
N PHE B 24 39.54 20.89 -5.31
CA PHE B 24 38.47 20.66 -4.34
C PHE B 24 37.18 21.39 -4.74
N ASN B 25 37.30 22.24 -5.76
CA ASN B 25 36.17 23.07 -6.23
C ASN B 25 36.30 23.25 -7.73
N LYS B 26 35.67 22.41 -8.54
CA LYS B 26 35.74 22.49 -9.99
C LYS B 26 34.33 22.71 -10.54
N THR B 27 34.20 22.64 -11.86
CA THR B 27 32.90 22.76 -12.52
C THR B 27 32.30 21.43 -12.91
N GLN B 28 33.12 20.45 -13.27
CA GLN B 28 32.63 19.13 -13.69
C GLN B 28 33.43 18.05 -12.96
N PHE B 29 32.75 16.99 -12.55
CA PHE B 29 33.35 15.82 -11.93
C PHE B 29 33.05 14.57 -12.74
N PRO B 30 33.93 13.57 -12.69
CA PRO B 30 33.71 12.37 -13.51
C PRO B 30 32.95 11.27 -12.78
N SER B 31 32.63 10.20 -13.49
CA SER B 31 31.94 9.05 -12.91
C SER B 31 32.94 8.15 -12.19
N VAL B 32 32.41 7.17 -11.45
CA VAL B 32 33.27 6.30 -10.65
C VAL B 32 34.11 5.41 -11.55
N TYR B 33 33.56 4.98 -12.68
CA TYR B 33 34.28 4.08 -13.57
C TYR B 33 35.45 4.77 -14.25
N ALA B 34 35.48 6.10 -14.24
CA ALA B 34 36.60 6.86 -14.81
C ALA B 34 36.99 7.98 -13.85
N TRP B 35 37.92 7.67 -12.95
CA TRP B 35 38.38 8.61 -11.94
C TRP B 35 39.74 9.20 -12.33
N GLU B 36 39.94 10.45 -11.96
CA GLU B 36 41.16 11.19 -12.26
C GLU B 36 42.16 11.07 -11.12
N ARG B 37 43.42 11.32 -11.44
CA ARG B 37 44.53 11.12 -10.51
C ARG B 37 45.48 12.32 -10.52
N VAL B 38 44.94 13.52 -10.35
CA VAL B 38 45.76 14.72 -10.24
C VAL B 38 46.81 14.50 -9.16
N ARG B 39 48.03 14.98 -9.42
CA ARG B 39 49.19 14.65 -8.59
C ARG B 39 49.64 15.89 -7.84
N ILE B 40 49.98 15.73 -6.56
CA ILE B 40 50.44 16.84 -5.75
C ILE B 40 51.87 16.57 -5.31
N SER B 41 52.79 17.47 -5.68
CA SER B 41 54.20 17.29 -5.36
C SER B 41 54.91 18.62 -5.43
N ASP B 42 55.99 18.75 -4.65
CA ASP B 42 56.87 19.92 -4.63
C ASP B 42 56.04 21.16 -4.29
N CYS B 43 55.56 21.16 -3.05
CA CYS B 43 54.73 22.25 -2.54
C CYS B 43 54.57 22.08 -1.04
N VAL B 44 54.12 23.15 -0.38
CA VAL B 44 53.71 23.10 1.00
C VAL B 44 52.18 23.21 1.03
N SER B 45 51.57 22.53 2.00
CA SER B 45 50.12 22.37 2.01
C SER B 45 49.55 22.83 3.35
N ASP B 46 48.32 23.32 3.31
CA ASP B 46 47.61 23.78 4.50
C ASP B 46 46.25 23.13 4.54
N TYR B 47 46.02 22.28 5.53
CA TYR B 47 44.78 21.53 5.66
C TYR B 47 43.72 22.24 6.49
N THR B 48 44.03 23.42 7.02
CA THR B 48 43.03 24.17 7.78
C THR B 48 41.88 24.66 6.94
N VAL B 49 42.05 24.73 5.61
CA VAL B 49 40.97 25.07 4.70
C VAL B 49 39.86 24.03 4.70
N LEU B 50 40.20 22.75 4.85
CA LEU B 50 39.22 21.68 4.91
C LEU B 50 38.63 21.50 6.30
N TYR B 51 39.13 22.25 7.29
CA TYR B 51 38.59 22.20 8.64
C TYR B 51 37.63 23.33 8.97
N ASN B 52 37.81 24.50 8.34
CA ASN B 52 36.85 25.60 8.55
C ASN B 52 35.47 25.21 8.04
N SER B 53 35.41 24.58 6.87
CA SER B 53 34.15 24.09 6.31
C SER B 53 34.00 22.61 6.67
N SER B 54 33.93 22.34 7.98
CA SER B 54 33.78 20.98 8.47
C SER B 54 32.34 20.49 8.48
N ALA B 55 31.36 21.39 8.60
CA ALA B 55 29.96 21.00 8.60
C ALA B 55 29.42 20.73 7.20
N SER B 56 30.13 21.16 6.15
CA SER B 56 29.70 20.89 4.79
C SER B 56 30.02 19.47 4.35
N PHE B 57 30.90 18.77 5.07
CA PHE B 57 31.27 17.41 4.73
C PHE B 57 30.44 16.42 5.53
N SER B 58 29.75 15.53 4.82
CA SER B 58 28.98 14.48 5.46
C SER B 58 29.84 13.30 5.90
N THR B 59 31.10 13.26 5.47
CA THR B 59 32.00 12.17 5.82
C THR B 59 33.43 12.67 5.84
N PHE B 60 34.12 12.46 6.96
CA PHE B 60 35.53 12.83 7.09
C PHE B 60 36.21 11.72 7.89
N LYS B 61 36.76 10.74 7.18
CA LYS B 61 37.44 9.61 7.79
C LYS B 61 38.88 9.55 7.34
N CYS B 62 39.79 9.36 8.29
CA CYS B 62 41.21 9.26 7.99
C CYS B 62 41.73 7.94 8.54
N TYR B 63 42.48 7.21 7.73
CA TYR B 63 43.06 5.93 8.09
C TYR B 63 44.57 6.03 8.11
N GLY B 64 45.19 5.38 9.09
CA GLY B 64 46.64 5.41 9.23
C GLY B 64 47.18 6.62 9.95
N VAL B 65 46.73 7.81 9.58
CA VAL B 65 47.14 9.04 10.23
C VAL B 65 45.97 9.59 11.03
N SER B 66 46.29 10.30 12.10
CA SER B 66 45.26 10.89 12.94
C SER B 66 44.53 12.00 12.19
N PRO B 67 43.22 12.16 12.38
CA PRO B 67 42.51 13.23 11.68
C PRO B 67 42.98 14.60 12.12
N THR B 68 43.08 14.79 13.44
CA THR B 68 43.62 16.02 13.99
C THR B 68 45.14 15.92 14.06
N LYS B 69 45.81 17.07 13.91
CA LYS B 69 47.28 17.16 13.97
C LYS B 69 47.92 16.30 12.87
N LEU B 70 47.51 16.57 11.63
CA LEU B 70 48.14 15.99 10.46
C LEU B 70 48.80 17.04 9.58
N ASN B 71 48.60 18.32 9.88
CA ASN B 71 49.17 19.43 9.13
C ASN B 71 50.69 19.45 9.22
N ASP B 72 51.26 19.01 10.35
CA ASP B 72 52.70 19.06 10.58
C ASP B 72 53.40 17.78 10.13
N LEU B 73 52.85 17.11 9.13
CA LEU B 73 53.43 15.89 8.59
C LEU B 73 54.15 16.17 7.27
N CYS B 74 55.08 15.28 6.93
CA CYS B 74 55.84 15.37 5.69
C CYS B 74 55.73 14.04 4.96
N PHE B 75 55.34 14.09 3.69
CA PHE B 75 55.12 12.90 2.88
C PHE B 75 56.08 12.86 1.70
N SER B 76 56.26 11.65 1.15
CA SER B 76 57.06 11.45 -0.05
C SER B 76 56.24 11.48 -1.33
N GLY B 77 54.93 11.60 -1.23
CA GLY B 77 54.07 11.67 -2.40
C GLY B 77 52.60 11.60 -2.03
N VAL B 78 51.77 12.44 -2.62
CA VAL B 78 50.34 12.51 -2.33
C VAL B 78 49.58 12.47 -3.65
N TYR B 79 48.55 11.63 -3.71
CA TYR B 79 47.65 11.57 -4.85
C TYR B 79 46.31 12.21 -4.50
N ALA B 80 45.41 12.21 -5.49
CA ALA B 80 44.06 12.75 -5.28
C ALA B 80 43.17 12.19 -6.38
N ASP B 81 42.11 11.47 -5.98
CA ASP B 81 41.12 10.95 -6.90
C ASP B 81 39.74 11.48 -6.53
N TYR B 82 38.99 11.91 -7.53
CA TYR B 82 37.68 12.51 -7.30
C TYR B 82 36.67 11.97 -8.31
N PHE B 83 35.46 11.68 -7.83
CA PHE B 83 34.39 11.14 -8.64
C PHE B 83 33.06 11.42 -7.93
N VAL B 84 31.96 10.99 -8.56
CA VAL B 84 30.61 11.22 -8.04
C VAL B 84 29.93 9.87 -7.87
N VAL B 85 29.46 9.59 -6.66
CA VAL B 85 28.80 8.34 -6.33
C VAL B 85 27.58 8.65 -5.48
N LYS B 86 26.61 7.74 -5.50
CA LYS B 86 25.38 7.93 -4.74
C LYS B 86 25.65 7.85 -3.24
N GLY B 87 24.66 8.27 -2.45
CA GLY B 87 24.79 8.28 -1.01
C GLY B 87 24.66 6.94 -0.34
N ASP B 88 24.24 5.91 -1.08
CA ASP B 88 24.15 4.56 -0.54
C ASP B 88 25.41 3.74 -0.78
N HIS B 89 26.41 4.29 -1.46
CA HIS B 89 27.64 3.58 -1.79
C HIS B 89 28.85 4.27 -1.17
N VAL B 90 28.61 5.26 -0.33
CA VAL B 90 29.70 6.01 0.29
C VAL B 90 30.47 5.16 1.30
N HIS B 91 29.77 4.28 2.03
CA HIS B 91 30.44 3.42 3.00
C HIS B 91 31.30 2.35 2.33
N GLN B 92 31.18 2.17 1.01
CA GLN B 92 31.98 1.18 0.31
C GLN B 92 33.41 1.65 0.06
N ILE B 93 33.67 2.94 0.18
CA ILE B 93 35.02 3.46 -0.07
C ILE B 93 35.77 3.37 1.26
N ALA B 94 36.48 2.27 1.46
CA ALA B 94 37.23 2.01 2.67
C ALA B 94 38.15 0.80 2.47
N PRO B 95 39.25 0.71 3.23
CA PRO B 95 40.09 -0.50 3.11
C PRO B 95 39.39 -1.72 3.69
N GLY B 96 38.92 -2.60 2.82
CA GLY B 96 38.22 -3.80 3.24
C GLY B 96 36.72 -3.68 3.11
N GLN B 97 36.16 -4.23 2.03
CA GLN B 97 34.74 -4.21 1.72
C GLN B 97 34.56 -5.02 0.45
N THR B 98 33.32 -5.45 0.20
CA THR B 98 33.01 -6.17 -1.03
C THR B 98 32.09 -5.37 -1.94
N GLY B 99 30.88 -5.04 -1.47
CA GLY B 99 29.95 -4.20 -2.19
C GLY B 99 29.85 -4.44 -3.68
N VAL B 100 29.66 -3.35 -4.44
CA VAL B 100 29.78 -3.36 -5.89
C VAL B 100 30.89 -2.44 -6.37
N ILE B 101 31.06 -1.28 -5.71
CA ILE B 101 32.12 -0.36 -6.09
C ILE B 101 33.49 -0.94 -5.74
N ALA B 102 33.60 -1.60 -4.59
CA ALA B 102 34.87 -2.17 -4.16
C ALA B 102 35.28 -3.38 -4.98
N ASP B 103 34.40 -3.89 -5.84
CA ASP B 103 34.72 -5.06 -6.67
C ASP B 103 35.08 -4.67 -8.10
N TYR B 104 34.35 -3.73 -8.70
CA TYR B 104 34.49 -3.45 -10.12
C TYR B 104 34.81 -2.00 -10.46
N ASN B 105 34.68 -1.06 -9.52
CA ASN B 105 34.85 0.35 -9.83
C ASN B 105 36.06 0.98 -9.15
N TYR B 106 36.15 0.89 -7.82
CA TYR B 106 37.25 1.53 -7.10
C TYR B 106 37.61 0.67 -5.90
N LYS B 107 38.88 0.33 -5.78
CA LYS B 107 39.37 -0.53 -4.71
C LYS B 107 40.50 0.15 -3.95
N LEU B 108 40.60 -0.15 -2.66
CA LEU B 108 41.64 0.39 -1.81
C LEU B 108 42.45 -0.75 -1.20
N PRO B 109 43.77 -0.64 -1.17
CA PRO B 109 44.57 -1.70 -0.53
C PRO B 109 44.32 -1.77 0.96
N SER B 110 44.50 -2.96 1.52
CA SER B 110 44.24 -3.20 2.94
C SER B 110 45.20 -2.45 3.86
N GLU B 111 46.32 -1.94 3.33
CA GLU B 111 47.25 -1.16 4.14
C GLU B 111 47.21 0.31 3.72
N PHE B 112 46.02 0.79 3.39
CA PHE B 112 45.84 2.17 2.95
C PHE B 112 46.03 3.15 4.11
N VAL B 113 46.67 4.27 3.81
CA VAL B 113 46.82 5.38 4.75
C VAL B 113 46.46 6.67 4.03
N GLY B 114 45.48 7.39 4.57
CA GLY B 114 45.01 8.60 3.94
C GLY B 114 43.69 9.04 4.55
N CYS B 115 43.01 9.93 3.83
CA CYS B 115 41.74 10.48 4.26
C CYS B 115 40.74 10.46 3.11
N ILE B 116 39.46 10.38 3.46
CA ILE B 116 38.36 10.29 2.51
C ILE B 116 37.35 11.37 2.86
N LEU B 117 36.88 12.10 1.83
CA LEU B 117 35.97 13.22 2.01
C LEU B 117 34.79 13.08 1.07
N ALA B 118 33.62 13.55 1.52
CA ALA B 118 32.41 13.48 0.71
C ALA B 118 31.43 14.55 1.18
N TRP B 119 30.63 15.06 0.24
CA TRP B 119 29.62 16.06 0.57
C TRP B 119 28.50 16.01 -0.47
N ASN B 120 27.37 16.60 -0.11
CA ASN B 120 26.16 16.55 -0.91
C ASN B 120 26.12 17.69 -1.93
N THR B 121 25.79 17.32 -3.17
CA THR B 121 25.70 18.28 -4.27
C THR B 121 24.39 18.11 -5.03
N ARG B 122 23.27 18.10 -4.30
CA ARG B 122 21.96 17.84 -4.87
C ARG B 122 21.55 18.85 -5.95
N THR B 123 22.08 20.07 -5.91
CA THR B 123 21.66 21.12 -6.83
C THR B 123 22.56 21.27 -8.05
N ILE B 124 23.67 20.54 -8.14
CA ILE B 124 24.61 20.67 -9.23
C ILE B 124 24.68 19.41 -10.08
N ASP B 125 24.89 18.26 -9.46
CA ASP B 125 25.08 16.99 -10.17
C ASP B 125 23.77 16.21 -10.28
N SER B 126 22.65 16.92 -10.35
CA SER B 126 21.34 16.29 -10.44
C SER B 126 20.92 16.22 -11.92
N LYS B 127 21.64 15.40 -12.67
CA LYS B 127 21.34 15.20 -14.08
C LYS B 127 21.86 13.84 -14.51
N ARG B 128 21.31 13.36 -15.62
CA ARG B 128 21.74 12.09 -16.21
C ARG B 128 23.10 12.28 -16.86
N GLY B 129 23.96 11.27 -16.77
CA GLY B 129 25.30 11.36 -17.32
C GLY B 129 26.35 10.68 -16.47
N PHE B 130 25.96 10.21 -15.29
CA PHE B 130 26.88 9.52 -14.38
C PHE B 130 26.56 8.03 -14.42
N TYR B 131 27.58 7.21 -14.62
CA TYR B 131 27.42 5.78 -14.77
C TYR B 131 28.30 5.03 -13.77
N TYR B 132 28.08 3.72 -13.69
CA TYR B 132 28.91 2.83 -12.89
C TYR B 132 28.79 1.42 -13.44
N ARG B 133 29.80 0.61 -13.13
CA ARG B 133 29.87 -0.77 -13.60
C ARG B 133 29.02 -1.67 -12.73
N LEU B 134 28.37 -2.65 -13.35
CA LEU B 134 27.50 -3.58 -12.64
C LEU B 134 28.06 -5.00 -12.60
N PHE B 135 28.40 -5.58 -13.75
CA PHE B 135 28.92 -6.93 -13.83
C PHE B 135 30.32 -6.93 -14.45
N ARG B 136 31.08 -7.97 -14.13
CA ARG B 136 32.42 -8.17 -14.68
C ARG B 136 32.82 -9.62 -14.42
N HIS B 137 34.01 -9.98 -14.88
CA HIS B 137 34.57 -11.31 -14.66
C HIS B 137 35.74 -11.16 -13.68
N GLY B 138 35.43 -11.24 -12.38
CA GLY B 138 36.46 -11.22 -11.37
C GLY B 138 36.69 -9.85 -10.77
N ASN B 139 37.12 -9.82 -9.50
CA ASN B 139 37.39 -8.56 -8.84
C ASN B 139 38.67 -7.93 -9.39
N ILE B 140 38.72 -6.59 -9.36
CA ILE B 140 39.89 -5.88 -9.88
C ILE B 140 40.93 -5.73 -8.78
N ARG B 141 42.14 -5.38 -9.19
CA ARG B 141 43.23 -5.15 -8.25
C ARG B 141 43.08 -3.77 -7.62
N PRO B 142 43.72 -3.55 -6.46
CA PRO B 142 43.72 -2.21 -5.87
C PRO B 142 44.33 -1.18 -6.81
N TYR B 143 43.76 0.03 -6.77
CA TYR B 143 44.22 1.16 -7.59
C TYR B 143 44.22 0.80 -9.07
N GLU B 144 43.17 0.12 -9.52
CA GLU B 144 43.04 -0.23 -10.92
C GLU B 144 41.92 0.58 -11.58
N ARG B 145 42.16 0.95 -12.83
CA ARG B 145 41.22 1.73 -13.62
C ARG B 145 40.72 0.89 -14.78
N ASP B 146 39.40 0.76 -14.90
CA ASP B 146 38.77 0.06 -16.02
C ASP B 146 37.82 1.02 -16.71
N THR B 147 37.96 1.16 -18.02
CA THR B 147 37.16 2.07 -18.82
C THR B 147 36.73 1.41 -20.12
N SER B 148 36.27 0.17 -20.04
CA SER B 148 35.79 -0.56 -21.19
C SER B 148 34.27 -0.44 -21.30
N ASN B 149 33.76 -0.63 -22.51
CA ASN B 149 32.33 -0.54 -22.76
C ASN B 149 31.88 -1.73 -23.61
N VAL B 150 32.33 -2.92 -23.25
CA VAL B 150 32.02 -4.12 -24.04
C VAL B 150 30.98 -4.95 -23.29
N PRO B 151 29.99 -5.54 -23.99
CA PRO B 151 28.94 -6.30 -23.31
C PRO B 151 29.46 -7.47 -22.49
N TYR B 152 28.61 -8.00 -21.61
CA TYR B 152 29.01 -9.00 -20.63
C TYR B 152 28.06 -10.19 -20.71
N ASN B 153 28.57 -11.38 -20.39
CA ASN B 153 27.74 -12.58 -20.33
C ASN B 153 27.98 -13.34 -19.03
N ALA B 154 26.99 -14.15 -18.65
CA ALA B 154 27.03 -14.92 -17.41
C ALA B 154 27.43 -16.36 -17.63
N ALA B 155 27.76 -16.75 -18.86
CA ALA B 155 28.12 -18.14 -19.14
C ALA B 155 29.33 -18.30 -20.05
N GLY B 156 29.93 -17.23 -20.55
CA GLY B 156 31.06 -17.37 -21.44
C GLY B 156 32.04 -16.21 -21.39
N GLY B 157 32.43 -15.73 -22.57
CA GLY B 157 33.38 -14.64 -22.67
C GLY B 157 32.73 -13.30 -22.96
N THR B 158 32.74 -12.90 -24.24
CA THR B 158 32.13 -11.65 -24.65
C THR B 158 30.91 -11.92 -25.53
N CYS B 159 29.88 -11.09 -25.35
CA CYS B 159 28.65 -11.17 -26.13
C CYS B 159 28.67 -10.07 -27.19
N ASN B 160 27.77 -10.20 -28.16
CA ASN B 160 27.64 -9.22 -29.24
C ASN B 160 26.20 -8.73 -29.38
N GLN B 161 25.39 -8.94 -28.34
CA GLN B 161 24.00 -8.46 -28.38
C GLN B 161 23.46 -8.25 -26.98
N PRO B 162 23.61 -7.05 -26.40
CA PRO B 162 22.93 -6.73 -25.14
C PRO B 162 21.42 -6.82 -25.28
N GLY B 163 20.74 -7.26 -24.21
CA GLY B 163 19.30 -7.41 -24.25
C GLY B 163 18.87 -8.78 -24.74
N THR B 164 19.85 -9.59 -25.11
CA THR B 164 19.65 -10.96 -25.57
C THR B 164 20.10 -11.91 -24.48
N HIS B 165 19.42 -13.05 -24.40
CA HIS B 165 19.63 -14.06 -23.35
C HIS B 165 21.09 -14.22 -22.98
N ASN B 166 21.37 -14.14 -21.67
CA ASN B 166 22.68 -14.37 -21.10
C ASN B 166 23.71 -13.33 -21.56
N CYS B 167 23.26 -12.23 -22.14
CA CYS B 167 24.14 -11.12 -22.49
C CYS B 167 23.61 -9.83 -21.87
N TYR B 168 24.50 -9.10 -21.19
CA TYR B 168 24.08 -7.94 -20.43
C TYR B 168 25.02 -6.77 -20.66
N GLU B 169 24.44 -5.56 -20.69
CA GLU B 169 25.23 -4.34 -20.69
C GLU B 169 25.74 -4.05 -19.29
N PRO B 170 27.01 -3.70 -19.11
CA PRO B 170 27.59 -3.55 -17.77
C PRO B 170 27.52 -2.16 -17.16
N LEU B 171 26.98 -1.17 -17.85
CA LEU B 171 26.94 0.20 -17.34
C LEU B 171 25.50 0.59 -17.03
N GLN B 172 25.26 1.00 -15.79
CA GLN B 172 23.94 1.45 -15.34
C GLN B 172 24.00 2.93 -15.00
N ASP B 173 22.96 3.66 -15.44
CA ASP B 173 22.91 5.09 -15.22
C ASP B 173 22.47 5.42 -13.80
N TYR B 174 23.09 6.44 -13.22
CA TYR B 174 22.67 6.99 -11.93
C TYR B 174 21.58 8.05 -12.14
N GLY B 175 20.34 7.59 -12.16
CA GLY B 175 19.22 8.50 -12.30
C GLY B 175 19.16 9.47 -11.14
N PHE B 176 19.49 10.72 -11.40
CA PHE B 176 19.64 11.72 -10.35
C PHE B 176 18.50 12.73 -10.48
N THR B 177 17.68 12.81 -9.43
CA THR B 177 16.59 13.77 -9.34
C THR B 177 16.62 14.42 -7.98
N SER B 178 16.39 15.74 -7.94
CA SER B 178 16.40 16.47 -6.68
C SER B 178 15.26 16.05 -5.76
N THR B 179 14.22 15.44 -6.30
CA THR B 179 13.06 15.03 -5.53
C THR B 179 13.25 13.71 -4.80
N SER B 180 14.27 12.94 -5.17
CA SER B 180 14.49 11.62 -4.57
C SER B 180 14.95 11.75 -3.12
N GLY B 181 15.15 10.61 -2.48
CA GLY B 181 15.56 10.59 -1.09
C GLY B 181 17.04 10.89 -0.91
N VAL B 182 17.45 10.95 0.36
CA VAL B 182 18.83 11.28 0.69
C VAL B 182 19.77 10.18 0.21
N GLY B 183 19.35 8.92 0.35
CA GLY B 183 20.19 7.80 -0.02
C GLY B 183 20.42 7.66 -1.51
N TYR B 184 19.61 8.32 -2.32
CA TYR B 184 19.75 8.26 -3.78
C TYR B 184 20.23 9.58 -4.38
N GLN B 185 20.79 10.48 -3.56
CA GLN B 185 21.19 11.79 -4.06
C GLN B 185 22.70 11.82 -4.31
N PRO B 186 23.14 12.65 -5.25
CA PRO B 186 24.57 12.63 -5.63
C PRO B 186 25.48 13.12 -4.52
N PHE B 187 26.66 12.50 -4.45
CA PHE B 187 27.73 12.88 -3.53
C PHE B 187 29.04 12.95 -4.31
N ARG B 188 29.89 13.90 -3.96
CA ARG B 188 31.21 14.02 -4.55
C ARG B 188 32.25 13.54 -3.55
N VAL B 189 33.10 12.61 -3.98
CA VAL B 189 34.07 11.97 -3.11
C VAL B 189 35.47 12.29 -3.61
N VAL B 190 36.33 12.79 -2.72
CA VAL B 190 37.73 13.05 -3.00
C VAL B 190 38.56 12.22 -2.04
N VAL B 191 39.48 11.42 -2.58
CA VAL B 191 40.29 10.49 -1.80
C VAL B 191 41.75 10.92 -1.88
N LEU B 192 42.39 11.04 -0.72
CA LEU B 192 43.79 11.41 -0.62
C LEU B 192 44.59 10.22 -0.11
N SER B 193 45.69 9.92 -0.80
CA SER B 193 46.58 8.82 -0.44
C SER B 193 47.94 9.39 -0.07
N PHE B 194 48.48 8.95 1.06
CA PHE B 194 49.75 9.44 1.57
C PHE B 194 50.77 8.29 1.54
N GLU B 195 51.97 8.59 1.07
CA GLU B 195 53.07 7.63 1.05
C GLU B 195 54.14 8.08 2.02
N LEU B 196 54.55 7.19 2.92
CA LEU B 196 55.46 7.57 4.00
C LEU B 196 56.67 6.66 4.08
N LEU B 197 57.31 6.39 2.95
CA LEU B 197 58.48 5.52 2.92
C LEU B 197 59.75 6.38 2.87
N ASN B 198 60.90 5.72 2.76
CA ASN B 198 62.19 6.39 2.71
C ASN B 198 62.41 6.95 1.31
N ALA B 199 62.38 8.28 1.19
CA ALA B 199 62.45 8.97 -0.08
C ALA B 199 62.63 10.46 0.20
N PRO B 200 63.03 11.27 -0.79
CA PRO B 200 63.06 12.72 -0.56
C PRO B 200 61.66 13.26 -0.33
N ALA B 201 61.55 14.25 0.54
CA ALA B 201 60.26 14.83 0.89
C ALA B 201 59.75 15.72 -0.24
N THR B 202 58.52 15.48 -0.67
CA THR B 202 57.93 16.23 -1.77
C THR B 202 56.90 17.23 -1.26
N VAL B 203 55.95 16.75 -0.45
CA VAL B 203 54.89 17.59 0.09
C VAL B 203 55.11 17.68 1.60
N CYS B 204 55.13 18.90 2.11
CA CYS B 204 55.39 19.10 3.54
C CYS B 204 54.55 20.24 4.10
C1 NAG C . -0.12 23.91 -13.91
C2 NAG C . 1.18 24.66 -13.60
C3 NAG C . 1.22 25.98 -14.36
C4 NAG C . 1.00 25.75 -15.84
C5 NAG C . -0.28 24.94 -16.07
C6 NAG C . -0.48 24.56 -17.53
C7 NAG C . 2.43 24.60 -11.49
C8 NAG C . 2.40 24.90 -10.02
N2 NAG C . 1.31 24.88 -12.17
O3 NAG C . 2.47 26.61 -14.14
O4 NAG C . 0.90 26.98 -16.52
O5 NAG C . -0.23 23.71 -15.32
O6 NAG C . -0.84 25.68 -18.31
O7 NAG C . 3.42 24.14 -12.04
C1 NAG D . 18.73 -16.93 -0.65
C2 NAG D . 19.25 -17.57 0.62
C3 NAG D . 19.76 -16.51 1.57
C4 NAG D . 20.85 -15.72 0.87
C5 NAG D . 20.30 -15.14 -0.41
C6 NAG D . 21.38 -14.38 -1.17
C7 NAG D . 18.26 -19.65 1.26
C8 NAG D . 16.99 -20.36 0.91
N2 NAG D . 18.19 -18.33 1.25
O3 NAG D . 20.29 -17.14 2.74
O4 NAG D . 21.30 -14.67 1.73
O5 NAG D . 19.80 -16.18 -1.24
O6 NAG D . 21.94 -13.37 -0.34
O7 NAG D . 19.30 -20.23 1.54
ZN ZN E . -6.40 3.21 3.29
C1 NAG F . 13.19 12.38 13.90
C2 NAG F . 13.99 13.35 13.06
C3 NAG F . 15.42 13.38 13.56
C4 NAG F . 15.41 13.74 15.03
C5 NAG F . 14.55 12.75 15.80
C6 NAG F . 14.47 13.18 17.25
C7 NAG F . 13.13 13.56 10.81
C8 NAG F . 13.71 13.93 9.49
N2 NAG F . 13.96 12.97 11.66
O3 NAG F . 16.16 14.34 12.81
O4 NAG F . 16.74 13.71 15.54
O5 NAG F . 13.24 12.74 15.28
O6 NAG F . 13.80 14.43 17.31
O7 NAG F . 11.96 13.78 11.10
C1 NAG G . 35.86 26.23 -3.55
C2 NAG G . 35.65 27.37 -2.57
C3 NAG G . 36.91 27.56 -1.74
C4 NAG G . 37.19 26.26 -1.02
C5 NAG G . 37.34 25.17 -2.05
C6 NAG G . 37.57 23.83 -1.36
C7 NAG G . 34.59 29.54 -2.66
C8 NAG G . 34.31 30.76 -3.47
N2 NAG G . 35.33 28.61 -3.27
O3 NAG G . 36.73 28.62 -0.80
O4 NAG G . 38.40 26.37 -0.28
O5 NAG G . 36.15 25.06 -2.80
O6 NAG G . 36.61 22.89 -1.85
O7 NAG G . 34.16 29.39 -1.54
#